data_5W0D
#
_entry.id   5W0D
#
_cell.length_a   40.620
_cell.length_b   61.660
_cell.length_c   83.860
_cell.angle_alpha   106.57
_cell.angle_beta   95.25
_cell.angle_gamma   106.70
#
_symmetry.space_group_name_H-M   'P 1'
#
loop_
_entity.id
_entity.type
_entity.pdbx_description
1 polymer 'Hemagglutinin HA1'
2 polymer 'Lineage K03.12 UCA antibody heavy chain'
3 polymer 'Lineage K03.12 UCA antibody light chain'
4 branched 2-acetamido-2-deoxy-beta-D-glucopyranose-(1-4)-2-acetamido-2-deoxy-beta-D-glucopyranose
5 branched beta-D-mannopyranose-(1-4)-2-acetamido-2-deoxy-beta-D-glucopyranose-(1-4)-2-acetamido-2-deoxy-beta-D-glucopyranose
6 non-polymer '2-(N-MORPHOLINO)-ETHANESULFONIC ACID'
7 non-polymer GLYCEROL
8 water water
#
loop_
_entity_poly.entity_id
_entity_poly.type
_entity_poly.pdbx_seq_one_letter_code
_entity_poly.pdbx_strand_id
1 'polypeptide(L)'
;ASAPLQLGNCSVAGWILGNPECELLISRESWSYIVEKPNPENGTCYPGHFADYEELREQLSSVSSFERFEIFPKESSWPN
HTTTGVSASCSHNGESSFYKNLLWLTGKNGLYPNLSKSYANNKEKEVLVLWGVHHPPNIGDQRALYHTENAYVSVVSSHY
SRKFTPEIAKRPKVRDQEGRINYYWTLLEPGDTIIFEANGNLIAPRYAFALSRGFGSGLEVLF
;
A
2 'polypeptide(L)'
;QVQLVQSGAEVKKPGASVKVSCKASGYTFTGYYMHWVRQAPGQGLEWMGWINPNSGGTNYAQKFQGRVTMTRDTSISTAY
MELSRLRSDDTAVYYCARDLTLMYVHSSGWERGVYYYYGMDVWGQGTTVTVSGASTKGPSVFPLAPSSKSTSGGTAALGC
LVKDYFPEPVTVSWNSGALTSGVHTFPAVLQSSGLYSLSSVVTVPSSSLGTQTYICNVNHKPSNTKVDKRVEPKSCDKHH
HHHH
;
B
3 'polypeptide(L)'
;QSALTQPASVSGSPGQSITISCTGTSSDVGSYNLVSWYQQHPGKAPKLMIYEGSKRPSGVSNRFSGSKSGNTASLTISGL
QAEDEADYYCCSYAGSVVFGGGTKLTVLGQPKGAPSVTLFPPSSEELQANKATLVCLISDFYPGAVTVAWKADSSPVKAG
VETTTPSKQSNNKYAASSYLSLTPEQWKSHRSYSCQVTHEGSTVEKTVAPTECS
;
C
#
# COMPACT_ATOMS: atom_id res chain seq x y z
N ALA A 1 -54.72 -19.87 27.60
CA ALA A 1 -53.63 -20.76 27.26
C ALA A 1 -52.30 -20.02 27.23
N SER A 2 -51.93 -19.39 28.35
CA SER A 2 -50.73 -18.54 28.38
C SER A 2 -49.79 -18.96 29.49
N ALA A 3 -48.56 -19.29 29.10
CA ALA A 3 -47.44 -19.72 29.93
C ALA A 3 -46.50 -18.56 30.16
N PRO A 4 -45.72 -18.59 31.26
CA PRO A 4 -44.78 -17.50 31.50
C PRO A 4 -43.66 -17.50 30.47
N LEU A 5 -43.06 -16.34 30.30
CA LEU A 5 -41.90 -16.22 29.43
C LEU A 5 -40.66 -16.54 30.26
N GLN A 6 -39.96 -17.60 29.88
CA GLN A 6 -38.80 -18.05 30.64
C GLN A 6 -37.56 -17.47 30.00
N LEU A 7 -36.83 -16.66 30.74
CA LEU A 7 -35.67 -15.97 30.22
C LEU A 7 -34.38 -16.69 30.54
N GLY A 8 -34.42 -17.80 31.27
CA GLY A 8 -33.18 -18.56 31.47
C GLY A 8 -32.19 -17.82 32.39
N ASN A 9 -30.93 -17.64 31.94
CA ASN A 9 -29.89 -16.78 32.57
C ASN A 9 -29.98 -15.30 32.17
N CYS A 10 -30.94 -14.91 31.34
CA CYS A 10 -30.99 -13.58 30.79
C CYS A 10 -31.87 -12.65 31.63
N SER A 11 -31.55 -11.34 31.59
CA SER A 11 -32.48 -10.36 32.14
C SER A 11 -33.41 -9.87 31.03
N VAL A 12 -34.48 -9.17 31.42
CA VAL A 12 -35.32 -8.50 30.42
C VAL A 12 -34.46 -7.60 29.53
N ALA A 13 -33.52 -6.86 30.12
CA ALA A 13 -32.66 -6.00 29.32
C ALA A 13 -31.87 -6.81 28.30
N GLY A 14 -31.24 -7.89 28.75
CA GLY A 14 -30.48 -8.73 27.83
C GLY A 14 -31.36 -9.33 26.74
N TRP A 15 -32.55 -9.77 27.11
CA TRP A 15 -33.46 -10.35 26.13
C TRP A 15 -34.00 -9.29 25.17
N ILE A 16 -34.47 -8.15 25.70
CA ILE A 16 -35.09 -7.16 24.81
C ILE A 16 -34.06 -6.41 23.95
N LEU A 17 -32.84 -6.24 24.43
CA LEU A 17 -31.83 -5.61 23.56
C LEU A 17 -31.25 -6.59 22.54
N GLY A 18 -31.39 -7.89 22.79
CA GLY A 18 -30.84 -8.87 21.87
C GLY A 18 -29.40 -9.21 22.19
N ASN A 19 -29.05 -9.27 23.49
CA ASN A 19 -27.75 -9.80 23.95
C ASN A 19 -27.48 -11.10 23.17
N PRO A 20 -26.29 -11.27 22.56
CA PRO A 20 -26.12 -12.42 21.65
C PRO A 20 -26.17 -13.77 22.33
N GLU A 21 -26.16 -13.82 23.67
CA GLU A 21 -26.30 -15.06 24.42
C GLU A 21 -27.74 -15.27 24.86
N CYS A 22 -28.67 -14.43 24.37
CA CYS A 22 -30.04 -14.40 24.87
C CYS A 22 -31.08 -14.73 23.80
N GLU A 23 -30.74 -15.45 22.74
CA GLU A 23 -31.77 -15.85 21.78
C GLU A 23 -32.44 -17.12 22.25
N LEU A 24 -33.75 -17.06 22.46
CA LEU A 24 -34.54 -18.22 22.84
C LEU A 24 -34.70 -19.16 21.65
N LEU A 25 -34.87 -20.45 21.96
CA LEU A 25 -35.15 -21.44 20.92
C LEU A 25 -36.44 -21.11 20.18
N ILE A 26 -37.55 -21.11 20.91
CA ILE A 26 -38.86 -20.79 20.36
C ILE A 26 -39.18 -19.36 20.77
N SER A 27 -39.08 -18.44 19.82
CA SER A 27 -39.42 -17.04 20.08
C SER A 27 -40.93 -16.95 20.32
N ARG A 28 -41.32 -16.56 21.53
CA ARG A 28 -42.72 -16.57 21.90
C ARG A 28 -43.39 -15.23 21.58
N GLU A 29 -44.72 -15.29 21.41
CA GLU A 29 -45.50 -14.14 20.97
C GLU A 29 -46.41 -13.57 22.04
N SER A 30 -46.94 -14.40 22.92
CA SER A 30 -47.72 -13.92 24.04
C SER A 30 -47.26 -14.68 25.27
N TRP A 31 -47.50 -14.09 26.43
CA TRP A 31 -47.08 -14.70 27.68
C TRP A 31 -47.77 -13.98 28.81
N SER A 32 -47.84 -14.65 29.96
CA SER A 32 -48.55 -14.17 31.14
C SER A 32 -47.67 -13.28 32.00
N TYR A 33 -46.47 -13.73 32.33
CA TYR A 33 -45.52 -12.99 33.14
C TYR A 33 -44.12 -13.47 32.77
N ILE A 34 -43.11 -12.73 33.21
CA ILE A 34 -41.72 -12.97 32.87
C ILE A 34 -41.05 -13.65 34.06
N VAL A 35 -40.34 -14.73 33.80
CA VAL A 35 -39.55 -15.41 34.82
C VAL A 35 -38.07 -15.11 34.57
N GLU A 36 -37.40 -14.60 35.61
CA GLU A 36 -35.99 -14.28 35.48
C GLU A 36 -35.35 -14.38 36.86
N LYS A 37 -34.09 -14.76 36.87
CA LYS A 37 -33.33 -14.98 38.08
C LYS A 37 -33.14 -13.66 38.84
N PRO A 38 -32.87 -13.74 40.15
CA PRO A 38 -32.55 -12.52 40.91
C PRO A 38 -31.35 -11.75 40.37
N ASN A 39 -30.29 -12.45 39.94
CA ASN A 39 -29.11 -11.80 39.38
C ASN A 39 -28.77 -12.50 38.07
N PRO A 40 -29.48 -12.18 36.99
CA PRO A 40 -29.26 -12.89 35.72
C PRO A 40 -27.85 -12.67 35.21
N GLU A 41 -27.27 -13.73 34.66
CA GLU A 41 -25.90 -13.62 34.20
C GLU A 41 -25.80 -12.65 33.03
N ASN A 42 -26.77 -12.67 32.12
CA ASN A 42 -26.62 -11.97 30.85
C ASN A 42 -27.67 -10.92 30.60
N GLY A 43 -27.24 -9.66 30.66
CA GLY A 43 -28.08 -8.49 30.53
C GLY A 43 -27.45 -7.53 29.56
N THR A 44 -26.94 -6.41 30.09
CA THR A 44 -26.29 -5.40 29.28
C THR A 44 -24.83 -5.84 29.17
N CYS A 45 -24.50 -6.53 28.08
CA CYS A 45 -23.15 -7.06 27.90
C CYS A 45 -22.12 -5.94 27.73
N TYR A 46 -22.50 -4.85 27.07
CA TYR A 46 -21.69 -3.63 27.15
C TYR A 46 -22.18 -2.83 28.34
N PRO A 47 -21.35 -2.56 29.34
CA PRO A 47 -21.84 -1.99 30.60
C PRO A 47 -22.49 -0.62 30.42
N GLY A 48 -23.46 -0.34 31.28
CA GLY A 48 -24.19 0.91 31.24
C GLY A 48 -25.54 0.77 31.89
N HIS A 49 -26.19 1.90 32.10
CA HIS A 49 -27.45 1.99 32.83
C HIS A 49 -28.63 1.76 31.88
N PHE A 50 -29.57 0.92 32.30
CA PHE A 50 -30.81 0.67 31.56
C PHE A 50 -31.91 1.48 32.23
N ALA A 51 -32.37 2.53 31.56
CA ALA A 51 -33.23 3.50 32.21
C ALA A 51 -34.63 2.93 32.41
N ASP A 52 -35.22 3.23 33.56
CA ASP A 52 -36.60 2.86 33.89
C ASP A 52 -36.82 1.38 33.65
N TYR A 53 -36.02 0.57 34.34
CA TYR A 53 -35.91 -0.85 34.02
C TYR A 53 -37.05 -1.67 34.59
N GLU A 54 -37.35 -1.50 35.88
CA GLU A 54 -38.46 -2.23 36.48
C GLU A 54 -39.76 -1.89 35.79
N GLU A 55 -39.92 -0.62 35.38
CA GLU A 55 -41.13 -0.21 34.66
C GLU A 55 -41.27 -0.96 33.35
N LEU A 56 -40.17 -1.13 32.61
CA LEU A 56 -40.22 -1.88 31.36
C LEU A 56 -40.58 -3.34 31.62
N ARG A 57 -40.09 -3.89 32.72
CA ARG A 57 -40.44 -5.28 33.05
C ARG A 57 -41.91 -5.38 33.41
N GLU A 58 -42.43 -4.39 34.13
CA GLU A 58 -43.87 -4.32 34.37
C GLU A 58 -44.64 -4.28 33.06
N GLN A 59 -44.27 -3.34 32.17
CA GLN A 59 -45.03 -3.13 30.95
C GLN A 59 -44.91 -4.31 29.99
N LEU A 60 -43.80 -5.03 30.02
CA LEU A 60 -43.66 -6.20 29.18
C LEU A 60 -44.17 -7.46 29.84
N SER A 61 -44.72 -7.34 31.04
CA SER A 61 -45.00 -8.52 31.85
C SER A 61 -46.17 -9.32 31.30
N SER A 62 -47.24 -8.64 30.91
CA SER A 62 -48.36 -9.28 30.26
C SER A 62 -48.44 -8.77 28.84
N VAL A 63 -48.51 -9.69 27.88
CA VAL A 63 -48.40 -9.38 26.45
C VAL A 63 -49.25 -10.41 25.69
N SER A 64 -50.16 -9.93 24.84
CA SER A 64 -50.98 -10.85 24.06
C SER A 64 -50.52 -10.96 22.61
N SER A 65 -49.74 -9.99 22.13
CA SER A 65 -49.23 -9.92 20.78
C SER A 65 -47.83 -9.31 20.87
N PHE A 66 -46.88 -9.85 20.11
CA PHE A 66 -45.48 -9.42 20.14
C PHE A 66 -44.91 -9.75 18.77
N GLU A 67 -44.42 -8.74 18.06
CA GLU A 67 -43.88 -8.92 16.72
C GLU A 67 -42.64 -8.07 16.58
N ARG A 68 -41.50 -8.71 16.28
CA ARG A 68 -40.26 -7.99 15.99
C ARG A 68 -40.27 -7.54 14.54
N PHE A 69 -39.81 -6.32 14.30
CA PHE A 69 -39.75 -5.83 12.93
C PHE A 69 -38.59 -4.85 12.83
N GLU A 70 -38.03 -4.73 11.64
CA GLU A 70 -36.81 -3.92 11.47
C GLU A 70 -37.25 -2.48 11.29
N ILE A 71 -37.15 -1.69 12.35
CA ILE A 71 -37.65 -0.31 12.29
C ILE A 71 -36.77 0.53 11.36
N PHE A 72 -35.45 0.39 11.48
CA PHE A 72 -34.51 1.06 10.56
C PHE A 72 -33.63 -0.01 9.95
N PRO A 73 -33.92 -0.45 8.71
CA PRO A 73 -33.22 -1.61 8.16
C PRO A 73 -31.73 -1.33 8.02
N LYS A 74 -30.91 -2.35 8.31
CA LYS A 74 -29.47 -2.14 8.31
C LYS A 74 -28.96 -1.79 6.93
N GLU A 75 -29.44 -2.47 5.90
CA GLU A 75 -28.82 -2.31 4.60
C GLU A 75 -29.44 -1.19 3.76
N SER A 76 -30.11 -0.22 4.39
CA SER A 76 -30.70 0.87 3.62
C SER A 76 -30.83 2.16 4.42
N SER A 77 -30.70 2.08 5.75
CA SER A 77 -30.97 3.26 6.55
C SER A 77 -29.76 4.18 6.65
N TRP A 78 -28.56 3.63 6.53
CA TRP A 78 -27.34 4.34 6.96
C TRP A 78 -26.27 4.30 5.87
N PRO A 79 -26.57 4.82 4.68
CA PRO A 79 -25.61 4.69 3.57
C PRO A 79 -24.27 5.37 3.84
N ASN A 80 -24.24 6.39 4.70
CA ASN A 80 -23.06 7.21 4.90
C ASN A 80 -22.41 7.00 6.27
N HIS A 81 -22.78 5.93 6.96
CA HIS A 81 -22.24 5.59 8.26
C HIS A 81 -21.79 4.14 8.23
N THR A 82 -20.87 3.80 9.13
CA THR A 82 -20.46 2.42 9.28
C THR A 82 -21.39 1.78 10.31
N THR A 83 -21.96 0.61 9.98
CA THR A 83 -22.97 -0.02 10.82
C THR A 83 -22.53 -1.30 11.49
N THR A 84 -21.36 -1.83 11.15
CA THR A 84 -21.03 -3.20 11.47
C THR A 84 -20.43 -3.37 12.85
N GLY A 85 -20.25 -2.28 13.61
CA GLY A 85 -19.62 -2.32 14.91
C GLY A 85 -20.00 -3.49 15.81
N VAL A 86 -19.00 -4.24 16.26
CA VAL A 86 -19.15 -5.28 17.28
C VAL A 86 -18.20 -4.99 18.46
N SER A 87 -18.35 -5.77 19.52
CA SER A 87 -17.58 -5.57 20.74
C SER A 87 -17.19 -6.91 21.35
N ALA A 88 -15.93 -7.00 21.82
CA ALA A 88 -15.51 -8.21 22.54
C ALA A 88 -16.30 -8.41 23.82
N SER A 89 -16.79 -7.32 24.42
CA SER A 89 -17.61 -7.49 25.62
C SER A 89 -18.98 -8.10 25.32
N CYS A 90 -19.40 -8.14 24.05
CA CYS A 90 -20.64 -8.82 23.67
C CYS A 90 -20.36 -10.00 22.76
N SER A 91 -19.48 -10.89 23.20
CA SER A 91 -19.02 -12.01 22.40
C SER A 91 -20.02 -13.15 22.39
N HIS A 92 -19.98 -13.93 21.32
CA HIS A 92 -20.75 -15.16 21.21
C HIS A 92 -19.86 -16.23 20.59
N ASN A 93 -19.81 -17.40 21.22
CA ASN A 93 -18.95 -18.49 20.75
C ASN A 93 -17.53 -17.99 20.47
N GLY A 94 -17.03 -17.13 21.35
CA GLY A 94 -15.67 -16.63 21.25
C GLY A 94 -15.42 -15.56 20.20
N GLU A 95 -16.46 -15.03 19.57
CA GLU A 95 -16.31 -14.00 18.56
C GLU A 95 -17.05 -12.72 18.97
N SER A 96 -16.42 -11.58 18.68
CA SER A 96 -17.04 -10.29 19.00
C SER A 96 -18.37 -10.13 18.28
N SER A 97 -19.35 -9.57 18.98
CA SER A 97 -20.69 -9.45 18.44
C SER A 97 -21.34 -8.21 19.05
N PHE A 98 -22.67 -8.14 18.99
CA PHE A 98 -23.35 -6.96 19.48
C PHE A 98 -24.82 -7.28 19.69
N TYR A 99 -25.52 -6.34 20.29
CA TYR A 99 -26.95 -6.50 20.47
C TYR A 99 -27.64 -6.70 19.13
N LYS A 100 -28.47 -7.74 19.03
CA LYS A 100 -29.18 -7.98 17.78
C LYS A 100 -30.15 -6.85 17.42
N ASN A 101 -30.69 -6.13 18.40
CA ASN A 101 -31.75 -5.18 18.08
C ASN A 101 -31.25 -3.76 17.98
N LEU A 102 -29.92 -3.55 18.03
CA LEU A 102 -29.33 -2.22 17.94
C LEU A 102 -28.18 -2.24 16.93
N LEU A 103 -27.80 -1.03 16.46
CA LEU A 103 -26.67 -0.87 15.56
C LEU A 103 -25.75 0.23 16.10
N TRP A 104 -24.47 -0.10 16.20
CA TRP A 104 -23.47 0.90 16.61
C TRP A 104 -23.06 1.68 15.36
N LEU A 105 -23.49 2.94 15.27
CA LEU A 105 -23.16 3.75 14.10
C LEU A 105 -21.83 4.46 14.35
N THR A 106 -20.94 4.42 13.36
CA THR A 106 -19.67 5.13 13.49
C THR A 106 -19.38 5.79 12.14
N GLY A 107 -18.24 6.48 12.10
CA GLY A 107 -17.89 7.24 10.92
C GLY A 107 -17.62 6.37 9.72
N LYS A 108 -17.65 7.01 8.55
CA LYS A 108 -17.36 6.32 7.31
C LYS A 108 -16.55 7.26 6.45
N ASN A 109 -15.46 6.76 5.88
CA ASN A 109 -14.61 7.59 5.02
C ASN A 109 -14.13 8.82 5.76
N GLY A 110 -13.87 8.69 7.05
CA GLY A 110 -13.36 9.78 7.87
C GLY A 110 -14.38 10.83 8.27
N LEU A 111 -15.67 10.54 8.13
CA LEU A 111 -16.72 11.52 8.41
C LEU A 111 -17.86 10.87 9.18
N TYR A 112 -18.52 11.66 10.02
CA TYR A 112 -19.78 11.22 10.64
C TYR A 112 -20.79 12.29 10.30
N PRO A 113 -21.47 12.18 9.15
CA PRO A 113 -22.43 13.22 8.78
C PRO A 113 -23.63 13.20 9.72
N ASN A 114 -24.19 14.39 9.95
CA ASN A 114 -25.33 14.51 10.85
C ASN A 114 -26.47 13.66 10.32
N LEU A 115 -27.14 12.95 11.23
CA LEU A 115 -28.20 12.05 10.82
C LEU A 115 -29.55 12.55 11.33
N SER A 116 -30.59 12.18 10.61
CA SER A 116 -31.95 12.46 11.05
C SER A 116 -32.86 11.38 10.51
N LYS A 117 -33.52 10.64 11.41
CA LYS A 117 -34.28 9.47 11.04
C LYS A 117 -35.59 9.50 11.80
N SER A 118 -36.69 9.31 11.09
CA SER A 118 -38.02 9.35 11.65
C SER A 118 -38.70 8.00 11.46
N TYR A 119 -39.60 7.65 12.37
CA TYR A 119 -40.43 6.46 12.22
C TYR A 119 -41.83 6.79 12.71
N ALA A 120 -42.83 6.51 11.90
CA ALA A 120 -44.23 6.70 12.27
C ALA A 120 -44.87 5.33 12.52
N ASN A 121 -45.44 5.15 13.72
CA ASN A 121 -46.11 3.89 14.07
C ASN A 121 -47.40 3.74 13.26
N ASN A 122 -47.32 2.93 12.19
CA ASN A 122 -48.48 2.46 11.45
C ASN A 122 -48.80 1.00 11.77
N LYS A 123 -48.30 0.49 12.90
CA LYS A 123 -48.53 -0.91 13.23
C LYS A 123 -49.90 -1.14 13.87
N GLU A 124 -50.63 -0.09 14.22
CA GLU A 124 -51.94 -0.22 14.88
C GLU A 124 -51.81 -1.02 16.17
N LYS A 125 -50.62 -0.96 16.75
CA LYS A 125 -50.31 -1.47 18.07
C LYS A 125 -49.29 -0.52 18.67
N GLU A 126 -49.03 -0.69 19.96
CA GLU A 126 -47.91 0.03 20.53
C GLU A 126 -46.62 -0.53 19.95
N VAL A 127 -45.63 0.33 19.85
CA VAL A 127 -44.31 -0.08 19.37
C VAL A 127 -43.29 0.29 20.43
N LEU A 128 -42.53 -0.71 20.88
CA LEU A 128 -41.44 -0.48 21.83
C LEU A 128 -40.17 -0.20 21.02
N VAL A 129 -39.53 0.95 21.28
CA VAL A 129 -38.31 1.36 20.59
C VAL A 129 -37.21 1.49 21.62
N LEU A 130 -36.03 0.92 21.34
CA LEU A 130 -34.91 0.97 22.25
C LEU A 130 -33.70 1.55 21.54
N TRP A 131 -32.92 2.31 22.28
CA TRP A 131 -31.70 2.89 21.73
C TRP A 131 -30.71 3.11 22.87
N GLY A 132 -29.49 3.49 22.48
CA GLY A 132 -28.46 3.72 23.46
C GLY A 132 -27.63 4.93 23.08
N VAL A 133 -26.91 5.43 24.08
CA VAL A 133 -26.06 6.60 23.96
C VAL A 133 -24.68 6.17 24.47
N HIS A 134 -23.66 6.31 23.63
CA HIS A 134 -22.31 5.87 23.97
C HIS A 134 -21.54 6.98 24.67
N HIS A 135 -20.89 6.65 25.79
CA HIS A 135 -19.95 7.52 26.47
C HIS A 135 -18.52 6.95 26.40
N PRO A 136 -17.71 7.39 25.45
CA PRO A 136 -16.31 6.89 25.35
C PRO A 136 -15.50 7.23 26.58
N PRO A 137 -14.40 6.51 26.86
CA PRO A 137 -13.62 6.82 28.07
C PRO A 137 -12.64 7.96 27.89
N ASN A 138 -12.32 8.37 26.66
CA ASN A 138 -11.36 9.46 26.44
C ASN A 138 -11.75 10.17 25.16
N ILE A 139 -11.15 11.35 24.95
CA ILE A 139 -11.57 12.18 23.83
C ILE A 139 -10.98 11.65 22.51
N GLY A 140 -9.80 11.00 22.55
CA GLY A 140 -9.31 10.36 21.34
C GLY A 140 -10.30 9.35 20.76
N ASP A 141 -10.97 8.58 21.63
CA ASP A 141 -11.95 7.62 21.14
C ASP A 141 -13.18 8.32 20.58
N GLN A 142 -13.60 9.40 21.23
CA GLN A 142 -14.73 10.19 20.75
C GLN A 142 -14.47 10.68 19.33
N ARG A 143 -13.26 11.23 19.09
CA ARG A 143 -12.94 11.73 17.77
C ARG A 143 -12.79 10.59 16.76
N ALA A 144 -12.17 9.48 17.16
CA ALA A 144 -11.96 8.41 16.18
C ALA A 144 -13.30 7.84 15.71
N LEU A 145 -14.24 7.64 16.64
CA LEU A 145 -15.49 6.99 16.31
C LEU A 145 -16.46 7.95 15.64
N TYR A 146 -16.48 9.21 16.07
CA TYR A 146 -17.59 10.12 15.74
C TYR A 146 -17.17 11.44 15.17
N HIS A 147 -15.87 11.77 15.19
CA HIS A 147 -15.35 12.95 14.50
C HIS A 147 -15.99 14.25 15.00
N THR A 148 -16.36 14.28 16.28
CA THR A 148 -16.87 15.49 16.91
C THR A 148 -16.57 15.42 18.40
N GLU A 149 -16.26 16.56 18.99
CA GLU A 149 -16.19 16.65 20.44
C GLU A 149 -17.39 17.36 21.05
N ASN A 150 -18.35 17.76 20.23
CA ASN A 150 -19.58 18.41 20.69
C ASN A 150 -20.75 17.58 20.20
N ALA A 151 -20.88 16.38 20.76
CA ALA A 151 -21.87 15.46 20.27
C ALA A 151 -23.25 15.78 20.88
N TYR A 152 -24.29 15.55 20.08
CA TYR A 152 -25.67 15.60 20.56
C TYR A 152 -26.39 14.37 20.05
N VAL A 153 -27.27 13.84 20.89
CA VAL A 153 -28.27 12.87 20.48
C VAL A 153 -29.60 13.42 20.96
N SER A 154 -30.54 13.58 20.06
CA SER A 154 -31.85 14.05 20.47
C SER A 154 -32.89 13.05 19.99
N VAL A 155 -33.82 12.72 20.88
CA VAL A 155 -34.89 11.78 20.60
C VAL A 155 -36.20 12.49 20.96
N VAL A 156 -37.08 12.65 19.99
CA VAL A 156 -38.34 13.34 20.23
C VAL A 156 -39.48 12.48 19.71
N SER A 157 -40.41 12.14 20.60
CA SER A 157 -41.69 11.56 20.24
C SER A 157 -42.79 12.42 20.84
N SER A 158 -44.03 12.18 20.43
CA SER A 158 -45.08 13.03 20.96
C SER A 158 -45.25 12.90 22.46
N HIS A 159 -44.81 11.79 23.07
CA HIS A 159 -44.91 11.64 24.52
C HIS A 159 -43.58 11.37 25.18
N TYR A 160 -42.47 11.73 24.54
CA TYR A 160 -41.15 11.64 25.16
C TYR A 160 -40.20 12.55 24.41
N SER A 161 -39.40 13.31 25.15
CA SER A 161 -38.45 14.23 24.54
C SER A 161 -37.21 14.30 25.40
N ARG A 162 -36.04 14.21 24.77
CA ARG A 162 -34.79 14.25 25.52
C ARG A 162 -33.64 14.54 24.56
N LYS A 163 -32.77 15.47 24.95
CA LYS A 163 -31.53 15.71 24.21
C LYS A 163 -30.37 15.29 25.08
N PHE A 164 -29.60 14.32 24.62
CA PHE A 164 -28.44 13.81 25.34
C PHE A 164 -27.18 14.50 24.82
N THR A 165 -26.30 14.88 25.75
CA THR A 165 -24.98 15.43 25.44
C THR A 165 -24.00 14.49 26.13
N PRO A 166 -23.58 13.42 25.45
CA PRO A 166 -22.76 12.41 26.12
C PRO A 166 -21.36 12.95 26.32
N GLU A 167 -20.90 12.95 27.55
CA GLU A 167 -19.56 13.46 27.83
C GLU A 167 -18.63 12.30 28.16
N ILE A 168 -17.34 12.60 28.11
CA ILE A 168 -16.32 11.59 28.27
C ILE A 168 -16.15 11.27 29.75
N ALA A 169 -15.95 9.99 30.07
CA ALA A 169 -15.77 9.58 31.46
C ALA A 169 -15.06 8.23 31.52
N LYS A 170 -14.05 8.15 32.36
CA LYS A 170 -13.24 6.94 32.53
C LYS A 170 -13.72 6.22 33.79
N ARG A 171 -14.67 5.29 33.61
CA ARG A 171 -15.27 4.56 34.71
C ARG A 171 -14.49 3.28 34.97
N PRO A 172 -14.70 2.64 36.12
CA PRO A 172 -14.02 1.36 36.38
C PRO A 172 -14.33 0.31 35.33
N LYS A 173 -13.32 -0.52 35.03
CA LYS A 173 -13.44 -1.52 33.97
C LYS A 173 -14.46 -2.59 34.35
N VAL A 174 -15.44 -2.79 33.49
CA VAL A 174 -16.51 -3.77 33.66
C VAL A 174 -16.65 -4.48 32.33
N ARG A 175 -16.48 -5.81 32.34
CA ARG A 175 -16.35 -6.61 31.11
C ARG A 175 -15.36 -5.97 30.14
N ASP A 176 -14.23 -5.52 30.68
CA ASP A 176 -13.08 -4.93 29.99
C ASP A 176 -13.32 -3.51 29.50
N GLN A 177 -14.46 -2.91 29.82
CA GLN A 177 -14.83 -1.61 29.25
C GLN A 177 -14.72 -0.52 30.30
N GLU A 178 -14.01 0.56 29.96
CA GLU A 178 -14.03 1.77 30.79
C GLU A 178 -15.08 2.77 30.36
N GLY A 179 -15.55 2.71 29.10
CA GLY A 179 -16.65 3.53 28.66
C GLY A 179 -17.98 2.86 28.99
N ARG A 180 -19.06 3.49 28.54
CA ARG A 180 -20.41 3.07 28.88
C ARG A 180 -21.35 3.32 27.70
N ILE A 181 -22.38 2.48 27.59
CA ILE A 181 -23.56 2.75 26.78
C ILE A 181 -24.75 2.77 27.73
N ASN A 182 -25.51 3.87 27.73
CA ASN A 182 -26.74 3.97 28.50
C ASN A 182 -27.92 3.65 27.60
N TYR A 183 -28.86 2.84 28.11
CA TYR A 183 -29.94 2.31 27.30
C TYR A 183 -31.26 3.00 27.65
N TYR A 184 -32.07 3.26 26.63
CA TYR A 184 -33.33 3.98 26.82
C TYR A 184 -34.40 3.32 25.97
N TRP A 185 -35.66 3.57 26.32
CA TRP A 185 -36.77 2.95 25.60
C TRP A 185 -38.00 3.85 25.69
N THR A 186 -38.93 3.63 24.76
CA THR A 186 -40.14 4.41 24.77
C THR A 186 -41.20 3.59 24.07
N LEU A 187 -42.44 3.74 24.50
CA LEU A 187 -43.55 3.02 23.92
C LEU A 187 -44.30 3.98 23.01
N LEU A 188 -44.37 3.64 21.74
CA LEU A 188 -44.97 4.48 20.72
C LEU A 188 -46.43 4.07 20.53
N GLU A 189 -47.36 4.95 20.91
CA GLU A 189 -48.76 4.66 20.64
C GLU A 189 -49.04 4.80 19.15
N PRO A 190 -50.07 4.12 18.65
CA PRO A 190 -50.39 4.21 17.21
C PRO A 190 -50.52 5.65 16.74
N GLY A 191 -49.97 5.92 15.56
CA GLY A 191 -50.05 7.24 14.99
C GLY A 191 -48.98 8.20 15.45
N ASP A 192 -48.23 7.86 16.49
CA ASP A 192 -47.19 8.74 16.99
C ASP A 192 -45.89 8.51 16.23
N THR A 193 -45.03 9.53 16.24
CA THR A 193 -43.81 9.56 15.45
C THR A 193 -42.63 9.77 16.38
N ILE A 194 -41.52 9.13 16.08
CA ILE A 194 -40.29 9.31 16.85
C ILE A 194 -39.22 9.80 15.89
N ILE A 195 -38.40 10.75 16.35
CA ILE A 195 -37.34 11.38 15.54
C ILE A 195 -36.02 11.25 16.29
N PHE A 196 -35.00 10.72 15.62
CA PHE A 196 -33.64 10.66 16.12
C PHE A 196 -32.79 11.61 15.29
N GLU A 197 -32.14 12.56 15.95
CA GLU A 197 -31.13 13.40 15.32
C GLU A 197 -29.83 13.27 16.11
N ALA A 198 -28.72 13.09 15.42
CA ALA A 198 -27.45 12.96 16.13
C ALA A 198 -26.28 13.35 15.21
N ASN A 199 -25.17 13.73 15.85
CA ASN A 199 -23.90 13.90 15.14
C ASN A 199 -22.83 12.99 15.75
N GLY A 200 -23.25 11.92 16.41
CA GLY A 200 -22.35 10.98 17.04
C GLY A 200 -23.03 10.30 18.21
N ASN A 201 -22.43 9.19 18.65
CA ASN A 201 -22.68 8.58 19.95
C ASN A 201 -24.02 7.85 20.04
N LEU A 202 -24.71 7.68 18.92
CA LEU A 202 -26.01 7.04 18.92
C LEU A 202 -25.84 5.55 18.66
N ILE A 203 -26.37 4.73 19.57
CA ILE A 203 -26.57 3.30 19.32
C ILE A 203 -28.02 3.18 18.84
N ALA A 204 -28.20 3.03 17.50
CA ALA A 204 -29.50 3.26 16.89
C ALA A 204 -30.40 2.04 17.00
N PRO A 205 -31.71 2.26 17.01
CA PRO A 205 -32.62 1.11 16.87
C PRO A 205 -32.38 0.40 15.56
N ARG A 206 -32.33 -0.93 15.61
CA ARG A 206 -32.46 -1.70 14.40
C ARG A 206 -33.78 -2.45 14.35
N TYR A 207 -34.11 -3.20 15.39
CA TYR A 207 -35.40 -3.88 15.52
C TYR A 207 -36.21 -3.25 16.64
N ALA A 208 -37.49 -3.10 16.40
CA ALA A 208 -38.46 -2.64 17.40
C ALA A 208 -39.53 -3.72 17.53
N PHE A 209 -40.47 -3.52 18.45
CA PHE A 209 -41.43 -4.57 18.80
C PHE A 209 -42.83 -4.00 18.79
N ALA A 210 -43.67 -4.49 17.89
CA ALA A 210 -45.08 -4.18 17.92
C ALA A 210 -45.78 -5.14 18.87
N LEU A 211 -46.57 -4.61 19.79
CA LEU A 211 -47.10 -5.46 20.84
C LEU A 211 -48.50 -5.04 21.27
N SER A 212 -49.26 -6.02 21.70
CA SER A 212 -50.54 -5.76 22.35
C SER A 212 -50.43 -6.27 23.77
N ARG A 213 -50.73 -5.39 24.72
CA ARG A 213 -50.81 -5.75 26.14
C ARG A 213 -52.24 -6.16 26.41
N GLY A 214 -52.50 -7.47 26.33
CA GLY A 214 -53.86 -7.99 26.43
C GLY A 214 -54.28 -8.38 27.84
N GLN B 1 -0.07 14.73 13.58
CA GLN B 1 1.07 14.19 12.84
C GLN B 1 1.17 12.68 13.00
N VAL B 2 0.44 11.94 12.17
CA VAL B 2 0.59 10.49 12.14
C VAL B 2 1.86 10.16 11.37
N GLN B 3 2.66 9.25 11.92
CA GLN B 3 4.01 8.98 11.43
C GLN B 3 4.36 7.52 11.68
N LEU B 4 5.06 6.91 10.72
CA LEU B 4 5.69 5.59 10.86
C LEU B 4 7.19 5.80 10.69
N VAL B 5 7.96 5.41 11.70
CA VAL B 5 9.42 5.57 11.72
C VAL B 5 10.04 4.18 11.70
N GLN B 6 10.77 3.87 10.63
CA GLN B 6 11.35 2.55 10.43
C GLN B 6 12.81 2.48 10.90
N SER B 7 13.28 1.25 11.07
CA SER B 7 14.66 1.03 11.49
C SER B 7 15.63 1.37 10.37
N GLY B 8 16.93 1.41 10.70
CA GLY B 8 17.95 1.87 9.79
C GLY B 8 18.41 0.83 8.76
N ALA B 9 19.24 1.30 7.84
CA ALA B 9 19.76 0.47 6.75
C ALA B 9 20.45 -0.77 7.28
N GLU B 10 20.34 -1.86 6.53
CA GLU B 10 20.84 -3.17 6.92
C GLU B 10 21.71 -3.74 5.80
N VAL B 11 22.79 -4.41 6.17
CA VAL B 11 23.62 -5.13 5.22
C VAL B 11 23.74 -6.58 5.68
N LYS B 12 23.36 -7.52 4.80
CA LYS B 12 23.31 -8.92 5.18
C LYS B 12 24.00 -9.80 4.15
N LYS B 13 24.39 -11.00 4.59
CA LYS B 13 24.95 -12.02 3.71
C LYS B 13 23.83 -12.93 3.22
N PRO B 14 23.96 -13.47 2.01
CA PRO B 14 22.98 -14.46 1.53
C PRO B 14 22.81 -15.60 2.51
N GLY B 15 21.58 -16.08 2.63
CA GLY B 15 21.23 -17.07 3.63
C GLY B 15 20.93 -16.51 5.00
N ALA B 16 21.23 -15.24 5.25
CA ALA B 16 20.91 -14.63 6.52
C ALA B 16 19.44 -14.25 6.55
N SER B 17 19.06 -13.55 7.61
CA SER B 17 17.72 -13.06 7.85
C SER B 17 17.84 -11.62 8.33
N VAL B 18 16.80 -10.83 8.11
CA VAL B 18 16.81 -9.45 8.54
C VAL B 18 15.44 -9.15 9.15
N LYS B 19 15.44 -8.34 10.22
CA LYS B 19 14.23 -7.96 10.92
C LYS B 19 14.17 -6.44 10.92
N VAL B 20 13.16 -5.89 10.25
CA VAL B 20 12.94 -4.46 10.08
C VAL B 20 11.85 -4.04 11.05
N SER B 21 12.00 -2.89 11.67
CA SER B 21 11.04 -2.43 12.65
C SER B 21 10.33 -1.19 12.13
N CYS B 22 9.12 -0.96 12.61
CA CYS B 22 8.31 0.13 12.14
C CYS B 22 7.51 0.65 13.32
N LYS B 23 7.84 1.84 13.82
CA LYS B 23 7.23 2.36 15.03
C LYS B 23 6.20 3.45 14.71
N ALA B 24 4.97 3.26 15.20
CA ALA B 24 3.86 4.17 14.95
C ALA B 24 3.73 5.22 16.03
N SER B 25 3.48 6.47 15.62
CA SER B 25 3.15 7.53 16.55
C SER B 25 2.04 8.40 15.98
N GLY B 26 1.30 9.06 16.87
CA GLY B 26 0.28 10.00 16.42
C GLY B 26 -1.09 9.39 16.19
N TYR B 27 -1.24 8.11 16.47
CA TYR B 27 -2.51 7.40 16.36
C TYR B 27 -2.36 6.13 17.17
N THR B 28 -3.47 5.45 17.40
CA THR B 28 -3.46 4.24 18.20
C THR B 28 -3.06 3.08 17.32
N PHE B 29 -1.94 2.45 17.66
CA PHE B 29 -1.31 1.45 16.80
C PHE B 29 -2.25 0.28 16.50
N THR B 30 -3.01 -0.17 17.50
CA THR B 30 -3.88 -1.33 17.30
C THR B 30 -5.13 -1.05 16.48
N GLY B 31 -5.35 0.20 16.03
CA GLY B 31 -6.57 0.57 15.33
C GLY B 31 -6.60 0.21 13.85
N TYR B 32 -5.45 -0.08 13.26
CA TYR B 32 -5.36 -0.23 11.82
C TYR B 32 -4.41 -1.36 11.46
N TYR B 33 -4.69 -2.03 10.33
CA TYR B 33 -3.78 -3.04 9.82
C TYR B 33 -2.50 -2.36 9.33
N MET B 34 -1.42 -3.12 9.33
CA MET B 34 -0.11 -2.63 8.90
C MET B 34 0.37 -3.54 7.76
N HIS B 35 0.65 -2.94 6.60
CA HIS B 35 1.15 -3.67 5.44
C HIS B 35 2.67 -3.51 5.34
N TRP B 36 3.31 -4.47 4.68
CA TRP B 36 4.71 -4.32 4.30
C TRP B 36 4.79 -4.42 2.79
N VAL B 37 5.54 -3.51 2.19
CA VAL B 37 5.69 -3.40 0.75
C VAL B 37 7.20 -3.21 0.48
N ARG B 38 7.73 -3.88 -0.53
CA ARG B 38 9.14 -3.64 -0.85
C ARG B 38 9.28 -3.15 -2.28
N GLN B 39 10.47 -2.63 -2.60
CA GLN B 39 10.69 -2.09 -3.92
C GLN B 39 12.18 -2.24 -4.22
N ALA B 40 12.51 -3.11 -5.17
CA ALA B 40 13.88 -3.35 -5.57
C ALA B 40 14.33 -2.21 -6.47
N PRO B 41 15.64 -2.00 -6.64
CA PRO B 41 16.12 -0.83 -7.39
C PRO B 41 15.54 -0.77 -8.79
N GLY B 42 14.87 0.34 -9.09
CA GLY B 42 14.27 0.52 -10.39
C GLY B 42 13.03 -0.30 -10.66
N GLN B 43 12.50 -1.01 -9.66
CA GLN B 43 11.36 -1.88 -9.85
C GLN B 43 10.11 -1.24 -9.24
N GLY B 44 8.98 -1.92 -9.42
CA GLY B 44 7.72 -1.47 -8.87
C GLY B 44 7.55 -1.86 -7.43
N LEU B 45 6.44 -1.43 -6.85
CA LEU B 45 6.06 -1.86 -5.51
C LEU B 45 5.52 -3.29 -5.56
N GLU B 46 5.80 -4.05 -4.50
CA GLU B 46 5.22 -5.38 -4.38
C GLU B 46 4.83 -5.61 -2.93
N TRP B 47 3.58 -5.96 -2.76
CA TRP B 47 3.05 -6.26 -1.45
C TRP B 47 3.72 -7.49 -0.87
N MET B 48 4.05 -7.42 0.42
CA MET B 48 4.55 -8.59 1.14
C MET B 48 3.50 -9.24 2.04
N GLY B 49 2.55 -8.49 2.56
CA GLY B 49 1.60 -9.05 3.51
C GLY B 49 1.13 -7.96 4.47
N TRP B 50 0.16 -8.34 5.31
CA TRP B 50 -0.28 -7.47 6.38
C TRP B 50 -0.28 -8.21 7.72
N ILE B 51 -0.25 -7.41 8.79
CA ILE B 51 -0.53 -7.91 10.12
C ILE B 51 -1.65 -7.05 10.71
N ASN B 52 -2.52 -7.70 11.46
CA ASN B 52 -3.55 -7.06 12.25
C ASN B 52 -2.95 -6.86 13.65
N PRO B 53 -2.55 -5.64 14.00
CA PRO B 53 -1.83 -5.45 15.28
C PRO B 53 -2.69 -5.69 16.50
N ASN B 54 -4.01 -5.62 16.37
CA ASN B 54 -4.87 -5.88 17.51
C ASN B 54 -4.82 -7.37 17.88
N SER B 55 -5.02 -8.25 16.90
CA SER B 55 -5.03 -9.68 17.13
C SER B 55 -3.71 -10.37 16.86
N GLY B 56 -2.84 -9.79 16.05
CA GLY B 56 -1.64 -10.51 15.63
C GLY B 56 -1.84 -11.42 14.44
N GLY B 57 -3.05 -11.49 13.89
CA GLY B 57 -3.27 -12.25 12.68
C GLY B 57 -2.49 -11.67 11.52
N THR B 58 -2.07 -12.55 10.60
CA THR B 58 -1.30 -12.12 9.44
C THR B 58 -1.93 -12.69 8.17
N ASN B 59 -1.61 -12.02 7.06
CA ASN B 59 -1.91 -12.49 5.71
C ASN B 59 -0.68 -12.22 4.83
N TYR B 60 0.00 -13.27 4.34
CA TYR B 60 1.22 -13.06 3.57
C TYR B 60 0.99 -13.23 2.08
N ALA B 61 1.72 -12.43 1.29
CA ALA B 61 1.71 -12.60 -0.15
C ALA B 61 2.26 -13.98 -0.55
N GLN B 62 1.71 -14.53 -1.64
CA GLN B 62 2.15 -15.81 -2.21
C GLN B 62 3.66 -15.85 -2.41
N LYS B 63 4.22 -14.72 -2.87
CA LYS B 63 5.63 -14.65 -3.22
C LYS B 63 6.52 -14.87 -2.01
N PHE B 64 6.03 -14.60 -0.80
CA PHE B 64 6.85 -14.57 0.40
C PHE B 64 6.44 -15.56 1.47
N GLN B 65 5.27 -16.19 1.35
CA GLN B 65 4.83 -17.17 2.34
C GLN B 65 5.85 -18.30 2.45
N GLY B 66 6.17 -18.67 3.68
CA GLY B 66 7.21 -19.64 3.97
C GLY B 66 8.53 -19.00 4.30
N ARG B 67 8.66 -17.71 4.06
CA ARG B 67 9.91 -16.99 4.21
C ARG B 67 9.79 -15.72 5.03
N VAL B 68 8.60 -15.14 5.16
CA VAL B 68 8.42 -13.85 5.84
C VAL B 68 7.67 -14.12 7.13
N THR B 69 8.04 -13.39 8.17
CA THR B 69 7.34 -13.43 9.47
C THR B 69 7.02 -12.01 9.88
N MET B 70 5.75 -11.71 10.09
CA MET B 70 5.35 -10.40 10.61
C MET B 70 4.84 -10.56 12.03
N THR B 71 5.32 -9.70 12.92
CA THR B 71 4.91 -9.68 14.33
C THR B 71 4.70 -8.23 14.77
N ARG B 72 4.25 -8.04 16.00
CA ARG B 72 4.14 -6.69 16.55
C ARG B 72 4.27 -6.76 18.07
N ASP B 73 4.62 -5.60 18.65
CA ASP B 73 4.63 -5.41 20.10
C ASP B 73 3.77 -4.17 20.34
N THR B 74 2.55 -4.40 20.81
CA THR B 74 1.61 -3.30 20.95
C THR B 74 2.04 -2.32 22.04
N SER B 75 2.65 -2.81 23.11
CA SER B 75 3.07 -1.95 24.20
C SER B 75 4.06 -0.87 23.76
N ILE B 76 4.74 -1.05 22.63
CA ILE B 76 5.66 -0.04 22.10
C ILE B 76 5.26 0.40 20.69
N SER B 77 4.01 0.13 20.30
CA SER B 77 3.45 0.55 19.01
C SER B 77 4.40 0.23 17.84
N THR B 78 4.92 -0.98 17.81
CA THR B 78 5.92 -1.32 16.80
C THR B 78 5.54 -2.60 16.05
N ALA B 79 5.56 -2.53 14.72
CA ALA B 79 5.41 -3.69 13.85
C ALA B 79 6.78 -4.19 13.41
N TYR B 80 6.89 -5.49 13.18
CA TYR B 80 8.15 -6.10 12.71
C TYR B 80 7.92 -6.96 11.48
N MET B 81 8.90 -6.96 10.58
CA MET B 81 8.91 -7.87 9.45
C MET B 81 10.26 -8.56 9.43
N GLU B 82 10.26 -9.90 9.53
CA GLU B 82 11.47 -10.68 9.38
C GLU B 82 11.41 -11.47 8.09
N LEU B 83 12.45 -11.34 7.27
CA LEU B 83 12.56 -12.04 6.00
C LEU B 83 13.81 -12.88 6.08
N SER B 84 13.67 -14.20 5.95
CA SER B 84 14.83 -15.07 6.10
C SER B 84 15.24 -15.68 4.76
N ARG B 85 16.33 -16.46 4.79
CA ARG B 85 16.96 -17.04 3.61
C ARG B 85 17.15 -15.99 2.51
N LEU B 86 17.83 -14.91 2.87
CA LEU B 86 17.98 -13.78 1.97
C LEU B 86 18.83 -14.14 0.76
N ARG B 87 18.45 -13.61 -0.40
CA ARG B 87 19.23 -13.65 -1.62
C ARG B 87 19.54 -12.22 -2.06
N SER B 88 20.59 -12.02 -2.89
CA SER B 88 20.89 -10.68 -3.43
C SER B 88 19.68 -9.99 -4.04
N ASP B 89 18.77 -10.73 -4.66
CA ASP B 89 17.62 -10.03 -5.23
C ASP B 89 16.56 -9.73 -4.17
N ASP B 90 16.90 -9.87 -2.88
CA ASP B 90 16.13 -9.28 -1.80
C ASP B 90 16.63 -7.90 -1.43
N THR B 91 17.74 -7.45 -2.04
CA THR B 91 18.15 -6.06 -1.92
C THR B 91 17.02 -5.15 -2.40
N ALA B 92 16.56 -4.26 -1.53
CA ALA B 92 15.38 -3.46 -1.82
C ALA B 92 15.22 -2.45 -0.70
N VAL B 93 14.29 -1.51 -0.92
CA VAL B 93 13.79 -0.67 0.15
C VAL B 93 12.50 -1.31 0.65
N TYR B 94 12.39 -1.44 1.96
CA TYR B 94 11.23 -2.07 2.56
C TYR B 94 10.44 -1.02 3.31
N TYR B 95 9.13 -0.96 3.03
CA TYR B 95 8.23 0.04 3.58
C TYR B 95 7.21 -0.66 4.47
N CYS B 96 6.97 -0.10 5.65
CA CYS B 96 5.71 -0.40 6.34
C CYS B 96 4.70 0.67 5.96
N ALA B 97 3.43 0.29 5.89
CA ALA B 97 2.40 1.24 5.47
C ALA B 97 1.07 0.93 6.16
N ARG B 98 0.48 1.95 6.79
CA ARG B 98 -0.78 1.76 7.50
C ARG B 98 -1.97 1.59 6.54
N ASP B 99 -2.79 0.59 6.81
CA ASP B 99 -4.08 0.45 6.14
C ASP B 99 -4.97 1.64 6.50
N LEU B 100 -5.75 2.13 5.54
CA LEU B 100 -6.52 3.34 5.81
C LEU B 100 -7.78 3.10 6.65
N THR B 101 -8.22 1.86 6.83
CA THR B 101 -9.52 1.61 7.46
C THR B 101 -9.36 1.49 8.98
N LEU B 102 -10.07 2.34 9.73
CA LEU B 102 -10.12 2.13 11.18
C LEU B 102 -10.83 0.82 11.48
N MET B 103 -10.12 -0.13 12.12
CA MET B 103 -10.70 -1.43 12.37
C MET B 103 -11.04 -1.67 13.83
N TYR B 104 -10.36 -0.99 14.74
CA TYR B 104 -10.56 -1.20 16.16
C TYR B 104 -10.42 0.13 16.85
N VAL B 105 -11.16 0.29 17.92
CA VAL B 105 -10.89 1.31 18.93
C VAL B 105 -10.95 0.59 20.27
N HIS B 106 -9.79 0.08 20.71
CA HIS B 106 -9.79 -0.92 21.76
C HIS B 106 -10.19 -0.34 23.11
N SER B 107 -9.87 0.93 23.38
CA SER B 107 -10.28 1.47 24.67
C SER B 107 -11.79 1.69 24.77
N SER B 108 -12.52 1.66 23.65
CA SER B 108 -13.98 1.77 23.63
C SER B 108 -14.67 0.43 23.39
N GLY B 109 -13.89 -0.63 23.19
CA GLY B 109 -14.43 -1.93 22.88
C GLY B 109 -15.13 -2.00 21.55
N TRP B 110 -14.78 -1.11 20.62
CA TRP B 110 -15.38 -1.09 19.29
C TRP B 110 -14.49 -1.84 18.31
N GLU B 111 -15.11 -2.63 17.42
CA GLU B 111 -14.44 -3.29 16.32
C GLU B 111 -15.31 -3.15 15.08
N ARG B 112 -14.65 -2.88 13.94
CA ARG B 112 -15.40 -2.79 12.69
C ARG B 112 -16.10 -4.08 12.37
N GLY B 113 -15.46 -5.23 12.65
CA GLY B 113 -16.09 -6.52 12.53
C GLY B 113 -15.98 -7.14 11.15
N VAL B 114 -15.42 -6.43 10.18
CA VAL B 114 -15.33 -6.89 8.80
C VAL B 114 -14.18 -6.12 8.18
N TYR B 115 -13.39 -6.80 7.37
CA TYR B 115 -12.19 -6.20 6.80
C TYR B 115 -12.26 -6.26 5.28
N TYR B 116 -11.89 -5.15 4.64
CA TYR B 116 -11.67 -5.14 3.19
C TYR B 116 -10.56 -4.12 2.93
N TYR B 117 -9.72 -4.41 1.94
CA TYR B 117 -8.57 -3.58 1.67
C TYR B 117 -8.98 -2.44 0.73
N TYR B 118 -8.84 -1.21 1.21
CA TYR B 118 -9.11 -0.02 0.40
C TYR B 118 -7.87 0.83 0.11
N GLY B 119 -6.78 0.63 0.83
CA GLY B 119 -5.53 1.27 0.46
C GLY B 119 -4.68 1.55 1.68
N MET B 120 -3.52 2.17 1.42
CA MET B 120 -2.51 2.46 2.44
C MET B 120 -2.26 3.96 2.46
N ASP B 121 -2.56 4.61 3.59
CA ASP B 121 -2.55 6.07 3.57
C ASP B 121 -1.40 6.70 4.34
N VAL B 122 -0.71 5.98 5.22
CA VAL B 122 0.48 6.50 5.89
C VAL B 122 1.62 5.53 5.66
N TRP B 123 2.79 6.03 5.26
CA TRP B 123 3.95 5.18 4.93
C TRP B 123 5.17 5.56 5.75
N GLY B 124 5.92 4.56 6.17
CA GLY B 124 7.26 4.77 6.70
C GLY B 124 8.19 5.39 5.66
N GLN B 125 9.36 5.84 6.14
CA GLN B 125 10.37 6.41 5.25
C GLN B 125 11.10 5.35 4.44
N GLY B 126 10.95 4.06 4.77
CA GLY B 126 11.60 2.94 4.08
C GLY B 126 12.94 2.55 4.71
N THR B 127 13.29 1.28 4.55
CA THR B 127 14.53 0.71 5.08
C THR B 127 15.28 0.05 3.94
N THR B 128 16.53 0.46 3.71
CA THR B 128 17.36 -0.18 2.70
C THR B 128 18.00 -1.44 3.27
N VAL B 129 17.77 -2.57 2.62
CA VAL B 129 18.38 -3.83 3.00
C VAL B 129 19.18 -4.27 1.78
N THR B 130 20.50 -4.39 1.95
CA THR B 130 21.37 -4.84 0.87
C THR B 130 21.88 -6.23 1.20
N VAL B 131 21.73 -7.15 0.25
CA VAL B 131 22.14 -8.53 0.43
C VAL B 131 23.29 -8.78 -0.53
N SER B 132 24.44 -9.21 0.01
CA SER B 132 25.61 -9.40 -0.82
C SER B 132 26.52 -10.45 -0.21
N GLY B 133 26.94 -11.42 -1.03
CA GLY B 133 27.91 -12.41 -0.64
C GLY B 133 29.25 -12.20 -1.30
N ALA B 134 29.48 -11.07 -1.96
CA ALA B 134 30.71 -10.88 -2.71
C ALA B 134 31.85 -10.46 -1.80
N SER B 135 33.05 -10.91 -2.14
CA SER B 135 34.26 -10.49 -1.47
C SER B 135 34.97 -9.43 -2.30
N THR B 136 35.73 -8.58 -1.61
CA THR B 136 36.55 -7.60 -2.31
C THR B 136 37.35 -8.27 -3.41
N LYS B 137 37.31 -7.68 -4.60
CA LYS B 137 37.85 -8.26 -5.81
C LYS B 137 38.12 -7.10 -6.76
N GLY B 138 39.30 -7.08 -7.36
CA GLY B 138 39.66 -6.00 -8.25
C GLY B 138 39.14 -6.21 -9.66
N PRO B 139 38.99 -5.12 -10.40
CA PRO B 139 38.47 -5.20 -11.77
C PRO B 139 39.42 -5.85 -12.75
N SER B 140 38.84 -6.62 -13.67
CA SER B 140 39.48 -6.86 -14.95
C SER B 140 39.13 -5.72 -15.90
N VAL B 141 40.13 -5.25 -16.65
CA VAL B 141 39.96 -4.09 -17.52
C VAL B 141 40.23 -4.52 -18.96
N PHE B 142 39.27 -4.25 -19.85
CA PHE B 142 39.39 -4.59 -21.26
C PHE B 142 39.18 -3.36 -22.14
N PRO B 143 39.98 -3.20 -23.20
CA PRO B 143 39.79 -2.04 -24.09
C PRO B 143 38.55 -2.19 -24.96
N LEU B 144 37.86 -1.07 -25.18
CA LEU B 144 36.71 -1.01 -26.07
C LEU B 144 37.16 -0.21 -27.29
N ALA B 145 37.58 -0.95 -28.33
CA ALA B 145 38.27 -0.33 -29.46
C ALA B 145 37.30 0.48 -30.31
N PRO B 146 37.74 1.61 -30.85
CA PRO B 146 36.93 2.34 -31.84
C PRO B 146 36.93 1.58 -33.16
N SER B 147 35.75 1.34 -33.69
CA SER B 147 35.57 0.73 -34.99
C SER B 147 34.96 1.74 -35.95
N SER B 148 34.83 1.34 -37.22
CA SER B 148 34.16 2.21 -38.17
C SER B 148 32.65 2.26 -37.95
N LYS B 149 32.10 1.30 -37.22
CA LYS B 149 30.72 1.36 -36.76
C LYS B 149 30.56 2.15 -35.46
N SER B 150 31.66 2.64 -34.90
CA SER B 150 31.61 3.56 -33.76
C SER B 150 32.18 4.93 -34.12
N THR B 151 32.43 5.20 -35.39
CA THR B 151 32.79 6.53 -35.88
C THR B 151 31.53 7.24 -36.38
N SER B 152 31.52 8.57 -36.26
CA SER B 152 30.37 9.36 -36.68
C SER B 152 30.76 10.42 -37.70
N GLY B 153 30.70 11.68 -37.31
CA GLY B 153 31.05 12.76 -38.23
C GLY B 153 32.44 13.31 -37.96
N GLY B 154 33.46 12.51 -38.22
CA GLY B 154 34.81 12.83 -37.82
C GLY B 154 35.16 12.45 -36.40
N THR B 155 34.19 11.97 -35.62
CA THR B 155 34.42 11.57 -34.23
C THR B 155 34.21 10.08 -34.08
N ALA B 156 34.95 9.49 -33.15
CA ALA B 156 34.88 8.07 -32.87
C ALA B 156 34.80 7.88 -31.36
N ALA B 157 34.04 6.87 -30.95
CA ALA B 157 33.93 6.50 -29.54
C ALA B 157 34.80 5.29 -29.27
N LEU B 158 35.59 5.37 -28.21
CA LEU B 158 36.37 4.25 -27.72
C LEU B 158 36.26 4.26 -26.21
N GLY B 159 36.69 3.18 -25.57
CA GLY B 159 36.46 3.13 -24.15
C GLY B 159 37.17 2.01 -23.44
N CYS B 160 36.75 1.78 -22.21
CA CYS B 160 37.33 0.79 -21.34
C CYS B 160 36.18 0.08 -20.63
N LEU B 161 36.24 -1.24 -20.56
CA LEU B 161 35.26 -2.03 -19.81
C LEU B 161 35.91 -2.46 -18.51
N VAL B 162 35.30 -2.05 -17.39
CA VAL B 162 35.81 -2.34 -16.07
C VAL B 162 34.90 -3.39 -15.46
N LYS B 163 35.40 -4.62 -15.36
CA LYS B 163 34.54 -5.78 -15.15
C LYS B 163 34.85 -6.51 -13.86
N ASP B 164 33.78 -6.86 -13.13
CA ASP B 164 33.79 -7.83 -12.03
C ASP B 164 34.64 -7.33 -10.86
N TYR B 165 34.20 -6.23 -10.26
CA TYR B 165 34.84 -5.75 -9.05
C TYR B 165 33.81 -5.57 -7.94
N PHE B 166 34.31 -5.45 -6.73
CA PHE B 166 33.49 -5.22 -5.55
C PHE B 166 34.42 -4.78 -4.43
N PRO B 167 34.01 -3.82 -3.58
CA PRO B 167 32.78 -3.07 -3.81
C PRO B 167 33.00 -1.84 -4.68
N GLU B 168 31.99 -1.00 -4.79
CA GLU B 168 32.10 0.32 -5.40
C GLU B 168 32.84 1.26 -4.43
N PRO B 169 33.60 2.24 -4.94
CA PRO B 169 33.77 2.63 -6.34
C PRO B 169 35.08 2.28 -7.06
N VAL B 170 35.06 2.51 -8.37
CA VAL B 170 36.25 2.58 -9.20
C VAL B 170 36.35 3.99 -9.76
N THR B 171 37.57 4.41 -10.05
CA THR B 171 37.83 5.69 -10.69
C THR B 171 38.51 5.44 -12.03
N VAL B 172 38.04 6.11 -13.07
CA VAL B 172 38.59 5.96 -14.41
C VAL B 172 39.02 7.33 -14.91
N SER B 173 40.31 7.44 -15.26
CA SER B 173 40.83 8.62 -15.92
C SER B 173 41.37 8.22 -17.28
N TRP B 174 41.54 9.21 -18.15
CA TRP B 174 42.04 8.99 -19.50
C TRP B 174 43.29 9.83 -19.70
N ASN B 175 44.38 9.14 -20.05
CA ASN B 175 45.69 9.78 -20.25
C ASN B 175 46.14 10.54 -19.00
N SER B 176 45.87 9.93 -17.83
CA SER B 176 46.32 10.45 -16.53
C SER B 176 45.81 11.87 -16.27
N GLY B 177 44.55 12.11 -16.60
CA GLY B 177 43.92 13.38 -16.38
C GLY B 177 44.02 14.34 -17.54
N ALA B 178 44.91 14.07 -18.50
CA ALA B 178 45.13 15.00 -19.59
C ALA B 178 43.99 14.99 -20.61
N LEU B 179 43.12 13.98 -20.56
CA LEU B 179 41.99 13.89 -21.47
C LEU B 179 40.70 13.85 -20.65
N THR B 180 39.90 14.92 -20.74
CA THR B 180 38.63 15.01 -20.03
C THR B 180 37.44 15.38 -20.91
N SER B 181 37.64 16.02 -22.06
CA SER B 181 36.53 16.34 -22.94
C SER B 181 36.00 15.08 -23.61
N GLY B 182 34.68 14.98 -23.71
CA GLY B 182 34.12 13.81 -24.34
C GLY B 182 34.19 12.55 -23.51
N VAL B 183 34.58 12.66 -22.24
CA VAL B 183 34.59 11.51 -21.35
C VAL B 183 33.19 11.34 -20.79
N HIS B 184 32.65 10.12 -20.91
CA HIS B 184 31.36 9.78 -20.32
C HIS B 184 31.57 8.42 -19.65
N THR B 185 31.66 8.42 -18.32
CA THR B 185 31.80 7.20 -17.52
C THR B 185 30.42 6.88 -16.94
N PHE B 186 29.82 5.78 -17.39
CA PHE B 186 28.44 5.41 -17.11
C PHE B 186 28.33 4.81 -15.70
N PRO B 187 27.17 4.96 -15.05
CA PRO B 187 26.95 4.30 -13.75
C PRO B 187 27.15 2.80 -13.86
N ALA B 188 27.61 2.21 -12.77
CA ALA B 188 27.93 0.79 -12.81
C ALA B 188 26.66 -0.04 -12.80
N VAL B 189 26.80 -1.29 -13.23
CA VAL B 189 25.72 -2.27 -13.18
C VAL B 189 26.07 -3.31 -12.13
N LEU B 190 25.07 -3.76 -11.38
CA LEU B 190 25.24 -4.79 -10.38
C LEU B 190 24.82 -6.11 -10.99
N GLN B 191 25.76 -7.01 -11.20
CA GLN B 191 25.44 -8.28 -11.82
C GLN B 191 24.81 -9.22 -10.79
N SER B 192 24.17 -10.28 -11.30
CA SER B 192 23.56 -11.27 -10.43
C SER B 192 24.59 -11.89 -9.49
N SER B 193 25.84 -11.98 -9.94
CA SER B 193 26.94 -12.51 -9.13
C SER B 193 27.28 -11.62 -7.93
N GLY B 194 26.71 -10.42 -7.82
CA GLY B 194 27.09 -9.50 -6.78
C GLY B 194 28.25 -8.59 -7.12
N LEU B 195 28.89 -8.76 -8.29
CA LEU B 195 30.01 -7.92 -8.68
C LEU B 195 29.53 -6.82 -9.61
N TYR B 196 30.27 -5.71 -9.62
CA TYR B 196 29.96 -4.55 -10.44
C TYR B 196 30.71 -4.59 -11.76
N SER B 197 30.17 -3.89 -12.75
CA SER B 197 30.88 -3.56 -13.98
C SER B 197 30.48 -2.15 -14.39
N LEU B 198 31.40 -1.43 -15.01
CA LEU B 198 31.00 -0.18 -15.66
C LEU B 198 31.81 0.01 -16.93
N SER B 199 31.46 1.08 -17.64
CA SER B 199 32.12 1.44 -18.88
C SER B 199 32.38 2.93 -18.90
N SER B 200 33.54 3.31 -19.43
CA SER B 200 33.91 4.69 -19.65
C SER B 200 34.19 4.87 -21.13
N VAL B 201 33.57 5.87 -21.74
CA VAL B 201 33.68 6.06 -23.17
C VAL B 201 34.07 7.50 -23.45
N VAL B 202 35.07 7.69 -24.30
CA VAL B 202 35.53 9.01 -24.69
C VAL B 202 35.33 9.16 -26.20
N THR B 203 34.82 10.33 -26.59
CA THR B 203 34.65 10.67 -27.99
C THR B 203 35.85 11.50 -28.45
N VAL B 204 36.52 11.05 -29.49
CA VAL B 204 37.74 11.72 -29.94
C VAL B 204 37.64 11.97 -31.44
N PRO B 205 38.38 12.93 -31.96
CA PRO B 205 38.46 13.08 -33.42
C PRO B 205 39.00 11.82 -34.05
N SER B 206 38.31 11.35 -35.10
CA SER B 206 38.79 10.20 -35.85
C SER B 206 40.18 10.43 -36.45
N SER B 207 40.57 11.69 -36.64
CA SER B 207 41.82 12.01 -37.31
C SER B 207 43.05 11.72 -36.45
N SER B 208 42.88 11.54 -35.15
CA SER B 208 43.99 11.31 -34.23
C SER B 208 44.16 9.86 -33.85
N LEU B 209 43.34 8.97 -34.43
CA LEU B 209 43.40 7.55 -34.08
C LEU B 209 44.73 6.94 -34.47
N GLY B 210 45.39 7.48 -35.49
CA GLY B 210 46.68 6.96 -35.92
C GLY B 210 47.89 7.64 -35.33
N THR B 211 47.67 8.70 -34.54
CA THR B 211 48.75 9.49 -33.95
C THR B 211 48.69 9.49 -32.43
N GLN B 212 47.54 9.82 -31.84
CA GLN B 212 47.43 9.99 -30.39
C GLN B 212 47.22 8.66 -29.70
N THR B 213 47.90 8.48 -28.56
CA THR B 213 47.66 7.32 -27.71
C THR B 213 46.50 7.61 -26.76
N TYR B 214 45.68 6.59 -26.52
CA TYR B 214 44.57 6.68 -25.57
C TYR B 214 44.72 5.54 -24.57
N ILE B 215 44.88 5.89 -23.29
CA ILE B 215 45.03 4.94 -22.20
C ILE B 215 44.08 5.33 -21.08
N CYS B 216 43.21 4.40 -20.67
CA CYS B 216 42.40 4.65 -19.50
C CYS B 216 43.12 4.11 -18.27
N ASN B 217 43.10 4.90 -17.20
CA ASN B 217 43.79 4.57 -15.96
C ASN B 217 42.73 4.26 -14.91
N VAL B 218 42.63 2.99 -14.54
CA VAL B 218 41.59 2.51 -13.63
C VAL B 218 42.20 2.23 -12.27
N ASN B 219 41.57 2.76 -11.23
CA ASN B 219 41.96 2.55 -9.85
C ASN B 219 40.75 2.01 -9.09
N HIS B 220 40.95 0.95 -8.31
CA HIS B 220 39.90 0.36 -7.48
C HIS B 220 40.56 0.23 -6.11
N LYS B 221 40.39 1.26 -5.28
CA LYS B 221 41.23 1.33 -4.10
C LYS B 221 40.95 0.24 -3.06
N PRO B 222 39.74 -0.32 -2.92
CA PRO B 222 39.58 -1.34 -1.85
C PRO B 222 40.43 -2.57 -2.08
N SER B 223 40.73 -2.91 -3.35
CA SER B 223 41.62 -4.00 -3.67
C SER B 223 43.04 -3.53 -4.00
N ASN B 224 43.27 -2.22 -4.02
CA ASN B 224 44.55 -1.63 -4.42
C ASN B 224 44.97 -2.10 -5.80
N THR B 225 43.99 -2.28 -6.69
CA THR B 225 44.24 -2.64 -8.08
C THR B 225 44.37 -1.36 -8.89
N LYS B 226 45.45 -1.28 -9.69
CA LYS B 226 45.65 -0.16 -10.60
C LYS B 226 46.01 -0.73 -11.97
N VAL B 227 45.20 -0.43 -12.97
CA VAL B 227 45.42 -0.90 -14.32
C VAL B 227 45.48 0.30 -15.25
N ASP B 228 46.43 0.26 -16.17
CA ASP B 228 46.52 1.24 -17.24
C ASP B 228 46.38 0.48 -18.53
N LYS B 229 45.34 0.80 -19.29
CA LYS B 229 44.91 -0.01 -20.41
C LYS B 229 44.98 0.82 -21.68
N ARG B 230 45.83 0.42 -22.60
CA ARG B 230 45.93 1.16 -23.84
C ARG B 230 44.84 0.71 -24.79
N VAL B 231 44.16 1.67 -25.44
CA VAL B 231 43.03 1.39 -26.31
C VAL B 231 43.39 1.85 -27.71
N GLU B 232 43.43 0.89 -28.65
CA GLU B 232 43.87 1.12 -30.02
C GLU B 232 42.80 0.70 -31.01
N PRO B 233 42.80 1.28 -32.21
CA PRO B 233 41.93 0.78 -33.28
C PRO B 233 42.22 -0.68 -33.55
N LYS B 234 41.18 -1.40 -33.94
CA LYS B 234 41.31 -2.84 -34.22
C LYS B 234 41.99 -3.01 -35.59
N SER B 235 43.15 -3.65 -35.58
CA SER B 235 43.88 -3.93 -36.81
C SER B 235 43.35 -5.20 -37.47
N SER C 2 -3.99 -12.78 -11.87
CA SER C 2 -4.31 -11.68 -10.98
C SER C 2 -3.23 -10.59 -10.99
N ALA C 3 -3.35 -9.65 -11.94
CA ALA C 3 -2.40 -8.55 -12.07
C ALA C 3 -3.03 -7.42 -12.87
N LEU C 4 -2.63 -6.20 -12.56
CA LEU C 4 -3.12 -5.01 -13.24
C LEU C 4 -2.03 -4.46 -14.17
N THR C 5 -2.45 -4.00 -15.34
CA THR C 5 -1.52 -3.56 -16.36
C THR C 5 -1.65 -2.05 -16.57
N GLN C 6 -0.54 -1.34 -16.36
CA GLN C 6 -0.43 0.10 -16.62
C GLN C 6 0.50 0.35 -17.78
N PRO C 7 0.38 1.50 -18.45
CA PRO C 7 1.38 1.87 -19.44
C PRO C 7 2.71 2.13 -18.75
N ALA C 8 3.80 1.81 -19.45
CA ALA C 8 5.11 2.01 -18.86
C ALA C 8 5.43 3.48 -18.65
N SER C 9 5.08 4.36 -19.60
CA SER C 9 5.39 5.78 -19.47
C SER C 9 4.30 6.64 -20.09
N VAL C 10 4.17 7.87 -19.58
CA VAL C 10 3.35 8.91 -20.20
C VAL C 10 4.02 10.25 -19.96
N SER C 11 3.79 11.18 -20.87
CA SER C 11 4.41 12.49 -20.77
C SER C 11 3.40 13.56 -21.17
N GLY C 12 3.51 14.72 -20.54
CA GLY C 12 2.65 15.85 -20.89
C GLY C 12 3.33 17.15 -20.55
N SER C 13 2.93 18.19 -21.25
CA SER C 13 3.42 19.53 -20.98
C SER C 13 2.67 20.14 -19.80
N PRO C 14 3.27 21.12 -19.12
CA PRO C 14 2.59 21.76 -18.00
C PRO C 14 1.26 22.37 -18.42
N GLY C 15 0.27 22.26 -17.54
CA GLY C 15 -1.05 22.80 -17.78
C GLY C 15 -2.00 21.86 -18.51
N GLN C 16 -1.48 20.79 -19.12
CA GLN C 16 -2.34 19.83 -19.80
C GLN C 16 -2.97 18.88 -18.78
N SER C 17 -3.77 17.95 -19.30
CA SER C 17 -4.29 16.83 -18.51
C SER C 17 -3.82 15.52 -19.11
N ILE C 18 -3.44 14.57 -18.26
CA ILE C 18 -3.12 13.21 -18.68
C ILE C 18 -4.05 12.27 -17.95
N THR C 19 -4.22 11.10 -18.56
CA THR C 19 -4.92 9.97 -17.95
C THR C 19 -4.01 8.76 -18.00
N ILE C 20 -3.83 8.12 -16.85
CA ILE C 20 -3.12 6.85 -16.74
C ILE C 20 -4.16 5.76 -16.51
N SER C 21 -4.07 4.67 -17.27
CA SER C 21 -5.05 3.60 -17.21
C SER C 21 -4.48 2.39 -16.47
N CYS C 22 -5.39 1.52 -16.05
CA CYS C 22 -5.08 0.33 -15.27
C CYS C 22 -6.13 -0.70 -15.67
N THR C 23 -5.71 -1.73 -16.40
CA THR C 23 -6.62 -2.74 -16.94
C THR C 23 -6.52 -4.02 -16.14
N GLY C 24 -7.68 -4.61 -15.84
CA GLY C 24 -7.75 -5.84 -15.07
C GLY C 24 -8.72 -6.86 -15.64
N ASN C 33 -15.26 -1.37 -8.36
CA ASN C 33 -14.33 -0.27 -8.62
C ASN C 33 -13.66 0.25 -7.35
N LEU C 34 -12.85 -0.59 -6.73
CA LEU C 34 -12.16 -0.24 -5.49
C LEU C 34 -10.65 -0.16 -5.72
N VAL C 35 -10.27 0.45 -6.84
CA VAL C 35 -8.86 0.69 -7.16
C VAL C 35 -8.36 1.91 -6.40
N SER C 36 -7.13 1.81 -5.88
CA SER C 36 -6.43 2.95 -5.33
C SER C 36 -5.17 3.24 -6.14
N TRP C 37 -4.71 4.50 -6.05
CA TRP C 37 -3.61 5.06 -6.84
C TRP C 37 -2.63 5.76 -5.93
N TYR C 38 -1.33 5.55 -6.19
CA TYR C 38 -0.21 6.05 -5.38
C TYR C 38 0.75 6.83 -6.27
N GLN C 39 1.29 7.91 -5.74
CA GLN C 39 2.32 8.70 -6.40
C GLN C 39 3.64 8.52 -5.66
N GLN C 40 4.71 8.25 -6.40
CA GLN C 40 6.01 8.07 -5.77
C GLN C 40 7.02 8.93 -6.51
N HIS C 41 7.63 9.87 -5.78
CA HIS C 41 8.81 10.59 -6.26
C HIS C 41 10.06 9.77 -5.97
N PRO C 42 11.12 9.92 -6.77
CA PRO C 42 12.26 8.99 -6.67
C PRO C 42 12.94 9.06 -5.31
N GLY C 43 13.14 7.90 -4.69
CA GLY C 43 13.73 7.84 -3.37
C GLY C 43 12.81 8.14 -2.20
N LYS C 44 11.56 8.50 -2.44
CA LYS C 44 10.65 8.81 -1.36
C LYS C 44 9.56 7.75 -1.26
N ALA C 45 8.89 7.72 -0.11
CA ALA C 45 7.80 6.78 0.10
C ALA C 45 6.62 7.09 -0.83
N PRO C 46 5.86 6.08 -1.24
CA PRO C 46 4.63 6.34 -2.00
C PRO C 46 3.61 7.17 -1.20
N LYS C 47 2.68 7.79 -1.94
CA LYS C 47 1.63 8.64 -1.36
C LYS C 47 0.29 8.25 -1.96
N LEU C 48 -0.71 8.06 -1.10
CA LEU C 48 -2.04 7.67 -1.58
C LEU C 48 -2.75 8.89 -2.17
N MET C 49 -3.14 8.81 -3.45
CA MET C 49 -3.81 9.91 -4.12
C MET C 49 -5.32 9.69 -4.26
N ILE C 50 -5.75 8.45 -4.48
CA ILE C 50 -7.12 8.09 -4.78
C ILE C 50 -7.39 6.74 -4.14
N TYR C 51 -8.55 6.59 -3.50
CA TYR C 51 -8.95 5.28 -3.04
C TYR C 51 -10.42 5.07 -3.35
N GLU C 52 -10.84 3.81 -3.35
CA GLU C 52 -12.21 3.47 -3.70
C GLU C 52 -12.56 4.03 -5.07
N GLY C 53 -11.61 3.95 -5.99
CA GLY C 53 -11.87 4.35 -7.35
C GLY C 53 -11.74 5.84 -7.61
N SER C 54 -12.25 6.69 -6.71
CA SER C 54 -12.35 8.11 -7.02
C SER C 54 -12.34 9.05 -5.82
N LYS C 55 -12.24 8.55 -4.60
CA LYS C 55 -12.17 9.42 -3.45
C LYS C 55 -10.74 9.91 -3.23
N ARG C 56 -10.63 11.15 -2.73
CA ARG C 56 -9.33 11.67 -2.39
C ARG C 56 -9.15 11.68 -0.88
N PRO C 57 -8.01 11.24 -0.37
CA PRO C 57 -7.72 11.45 1.05
C PRO C 57 -7.72 12.93 1.35
N SER C 58 -8.00 13.26 2.61
CA SER C 58 -7.97 14.65 3.05
C SER C 58 -6.67 15.31 2.61
N GLY C 59 -6.80 16.50 2.03
CA GLY C 59 -5.64 17.29 1.65
C GLY C 59 -5.01 16.97 0.31
N VAL C 60 -5.55 16.03 -0.44
CA VAL C 60 -5.01 15.72 -1.75
C VAL C 60 -5.74 16.57 -2.77
N SER C 61 -5.01 17.06 -3.76
CA SER C 61 -5.57 18.03 -4.68
C SER C 61 -6.64 17.41 -5.55
N ASN C 62 -7.70 18.18 -5.80
CA ASN C 62 -8.76 17.73 -6.68
C ASN C 62 -8.37 17.79 -8.15
N ARG C 63 -7.15 18.22 -8.48
CA ARG C 63 -6.62 17.97 -9.82
C ARG C 63 -6.48 16.48 -10.10
N PHE C 64 -6.38 15.66 -9.05
CA PHE C 64 -6.33 14.21 -9.20
C PHE C 64 -7.72 13.62 -9.07
N SER C 65 -8.16 12.86 -10.07
CA SER C 65 -9.46 12.23 -10.02
C SER C 65 -9.36 10.84 -10.62
N GLY C 66 -10.29 9.97 -10.23
CA GLY C 66 -10.33 8.62 -10.71
C GLY C 66 -11.69 8.32 -11.32
N SER C 67 -11.68 7.40 -12.28
CA SER C 67 -12.88 7.00 -13.00
C SER C 67 -12.68 5.58 -13.48
N LYS C 68 -13.79 4.92 -13.82
CA LYS C 68 -13.75 3.57 -14.36
C LYS C 68 -14.57 3.52 -15.64
N SER C 69 -14.35 2.43 -16.39
CA SER C 69 -15.03 2.19 -17.66
C SER C 69 -14.73 0.77 -18.11
N GLY C 70 -15.73 -0.10 -18.16
CA GLY C 70 -15.45 -1.49 -18.48
C GLY C 70 -14.52 -2.09 -17.44
N ASN C 71 -13.49 -2.79 -17.90
CA ASN C 71 -12.46 -3.34 -17.01
C ASN C 71 -11.21 -2.46 -16.97
N THR C 72 -11.39 -1.14 -16.99
CA THR C 72 -10.26 -0.20 -16.96
C THR C 72 -10.58 0.90 -15.96
N ALA C 73 -9.72 1.06 -14.96
CA ALA C 73 -9.75 2.21 -14.07
C ALA C 73 -8.74 3.26 -14.55
N SER C 74 -9.04 4.52 -14.27
CA SER C 74 -8.23 5.61 -14.79
C SER C 74 -7.92 6.62 -13.70
N LEU C 75 -6.71 7.16 -13.75
CA LEU C 75 -6.31 8.31 -12.94
C LEU C 75 -6.08 9.46 -13.89
N THR C 76 -6.79 10.57 -13.66
CA THR C 76 -6.64 11.75 -14.47
C THR C 76 -6.01 12.85 -13.63
N ILE C 77 -5.03 13.54 -14.21
CA ILE C 77 -4.38 14.68 -13.59
C ILE C 77 -4.62 15.88 -14.49
N SER C 78 -5.34 16.87 -13.99
CA SER C 78 -5.54 18.10 -14.73
C SER C 78 -4.52 19.13 -14.28
N GLY C 79 -4.26 20.11 -15.15
CA GLY C 79 -3.43 21.24 -14.81
C GLY C 79 -2.06 20.78 -14.34
N LEU C 80 -1.43 19.94 -15.14
CA LEU C 80 -0.15 19.34 -14.77
C LEU C 80 0.89 20.36 -14.35
N GLN C 81 1.56 20.08 -13.22
CA GLN C 81 2.72 20.85 -12.83
C GLN C 81 3.93 19.93 -12.73
N ALA C 82 5.11 20.53 -12.82
CA ALA C 82 6.34 19.75 -12.81
C ALA C 82 6.44 18.86 -11.58
N GLU C 83 5.91 19.30 -10.45
CA GLU C 83 5.93 18.46 -9.26
C GLU C 83 5.11 17.19 -9.42
N ASP C 84 4.27 17.11 -10.46
CA ASP C 84 3.51 15.89 -10.70
C ASP C 84 4.34 14.79 -11.35
N GLU C 85 5.55 15.13 -11.83
CA GLU C 85 6.45 14.12 -12.40
C GLU C 85 6.83 13.13 -11.31
N ALA C 86 6.53 11.85 -11.55
CA ALA C 86 6.64 10.82 -10.53
C ALA C 86 6.22 9.49 -11.14
N ASP C 87 6.35 8.42 -10.37
CA ASP C 87 5.81 7.13 -10.78
C ASP C 87 4.43 6.96 -10.14
N TYR C 88 3.50 6.43 -10.91
CA TYR C 88 2.15 6.23 -10.42
C TYR C 88 1.82 4.74 -10.48
N TYR C 89 1.27 4.22 -9.38
CA TYR C 89 0.88 2.81 -9.24
C TYR C 89 -0.60 2.74 -8.97
N CYS C 90 -1.31 1.91 -9.74
CA CYS C 90 -2.63 1.51 -9.31
C CYS C 90 -2.50 0.29 -8.40
N CYS C 91 -3.58 -0.01 -7.68
CA CYS C 91 -3.58 -1.07 -6.69
C CYS C 91 -4.99 -1.62 -6.57
N SER C 92 -5.11 -2.94 -6.42
CA SER C 92 -6.41 -3.58 -6.25
C SER C 92 -6.26 -4.76 -5.30
N TYR C 93 -7.37 -5.44 -5.05
CA TYR C 93 -7.35 -6.46 -4.02
C TYR C 93 -8.38 -7.52 -4.34
N ALA C 94 -8.00 -8.78 -4.15
CA ALA C 94 -8.89 -9.93 -4.30
C ALA C 94 -8.51 -10.98 -3.27
N GLY C 95 -8.45 -10.58 -2.01
CA GLY C 95 -7.83 -11.38 -0.97
C GLY C 95 -6.34 -11.20 -0.86
N SER C 96 -5.68 -10.69 -1.90
CA SER C 96 -4.30 -10.27 -1.83
C SER C 96 -4.18 -8.90 -2.48
N VAL C 97 -3.32 -8.06 -1.93
CA VAL C 97 -3.08 -6.74 -2.46
C VAL C 97 -2.17 -6.85 -3.68
N VAL C 98 -2.58 -6.27 -4.80
CA VAL C 98 -1.87 -6.39 -6.06
C VAL C 98 -1.59 -4.99 -6.59
N PHE C 99 -0.31 -4.65 -6.74
CA PHE C 99 0.07 -3.39 -7.36
C PHE C 99 0.21 -3.53 -8.87
N GLY C 100 -0.21 -2.50 -9.59
CA GLY C 100 0.17 -2.39 -10.99
C GLY C 100 1.68 -2.25 -11.13
N GLY C 101 2.16 -2.45 -12.35
CA GLY C 101 3.59 -2.38 -12.59
C GLY C 101 4.17 -0.98 -12.52
N GLY C 102 3.31 0.05 -12.55
CA GLY C 102 3.76 1.43 -12.45
C GLY C 102 3.90 2.19 -13.76
N THR C 103 3.60 3.49 -13.73
CA THR C 103 3.74 4.37 -14.87
C THR C 103 4.68 5.51 -14.49
N LYS C 104 5.75 5.70 -15.26
CA LYS C 104 6.58 6.88 -15.08
C LYS C 104 5.93 8.03 -15.85
N LEU C 105 5.50 9.08 -15.14
CA LEU C 105 4.92 10.26 -15.76
C LEU C 105 5.97 11.36 -15.85
N THR C 106 6.26 11.84 -17.07
CA THR C 106 7.20 12.93 -17.28
C THR C 106 6.42 14.20 -17.60
N VAL C 107 6.72 15.28 -16.89
CA VAL C 107 6.22 16.60 -17.23
C VAL C 107 7.30 17.31 -18.05
N LEU C 108 7.04 17.46 -19.34
CA LEU C 108 8.07 17.81 -20.31
C LEU C 108 8.66 19.19 -20.04
N GLY C 109 9.98 19.22 -19.86
CA GLY C 109 10.72 20.47 -19.72
C GLY C 109 11.70 20.70 -20.84
N GLN C 110 11.91 19.69 -21.69
CA GLN C 110 12.78 19.77 -22.86
C GLN C 110 12.09 19.12 -24.06
N PRO C 111 12.62 19.29 -25.27
CA PRO C 111 12.13 18.48 -26.39
C PRO C 111 12.45 17.01 -26.17
N LYS C 112 11.55 16.16 -26.65
CA LYS C 112 11.76 14.72 -26.57
C LYS C 112 12.97 14.35 -27.41
N GLY C 113 13.97 13.75 -26.76
CA GLY C 113 15.22 13.43 -27.44
C GLY C 113 15.49 11.94 -27.52
N ALA C 114 15.88 11.49 -28.71
CA ALA C 114 16.12 10.09 -29.00
C ALA C 114 17.48 9.66 -28.46
N PRO C 115 17.61 8.40 -28.04
CA PRO C 115 18.86 7.95 -27.44
C PRO C 115 19.97 7.78 -28.47
N SER C 116 21.19 8.20 -28.09
CA SER C 116 22.40 7.81 -28.81
C SER C 116 22.86 6.46 -28.29
N VAL C 117 23.07 5.51 -29.19
CA VAL C 117 23.42 4.15 -28.81
C VAL C 117 24.77 3.80 -29.42
N THR C 118 25.71 3.36 -28.58
CA THR C 118 26.98 2.79 -29.00
C THR C 118 27.06 1.35 -28.52
N LEU C 119 27.28 0.42 -29.45
CA LEU C 119 27.37 -1.00 -29.13
C LEU C 119 28.78 -1.52 -29.41
N PHE C 120 29.42 -2.09 -28.38
CA PHE C 120 30.79 -2.58 -28.53
C PHE C 120 30.85 -4.11 -28.56
N PRO C 121 31.68 -4.71 -29.40
CA PRO C 121 31.85 -6.17 -29.36
C PRO C 121 32.83 -6.60 -28.28
N PRO C 122 32.96 -7.90 -28.02
CA PRO C 122 33.99 -8.35 -27.09
C PRO C 122 35.39 -8.03 -27.61
N SER C 123 36.27 -7.65 -26.69
CA SER C 123 37.64 -7.34 -27.08
C SER C 123 38.42 -8.62 -27.36
N SER C 124 39.58 -8.45 -28.01
CA SER C 124 40.50 -9.56 -28.16
C SER C 124 40.93 -10.10 -26.80
N GLU C 125 41.29 -9.20 -25.88
CA GLU C 125 41.77 -9.61 -24.57
C GLU C 125 40.74 -10.49 -23.84
N GLU C 126 39.49 -10.02 -23.79
CA GLU C 126 38.47 -10.75 -23.06
C GLU C 126 38.27 -12.14 -23.63
N LEU C 127 38.17 -12.25 -24.96
CA LEU C 127 37.89 -13.54 -25.57
C LEU C 127 39.00 -14.56 -25.31
N GLN C 128 40.24 -14.12 -25.16
CA GLN C 128 41.31 -15.06 -24.85
C GLN C 128 41.49 -15.25 -23.35
N ALA C 129 40.72 -14.54 -22.52
CA ALA C 129 40.43 -14.94 -21.17
C ALA C 129 39.25 -15.89 -21.11
N ASN C 130 38.70 -16.26 -22.27
CA ASN C 130 37.61 -17.23 -22.40
C ASN C 130 36.30 -16.69 -21.83
N LYS C 131 36.02 -15.42 -22.12
CA LYS C 131 34.76 -14.78 -21.76
C LYS C 131 34.39 -13.82 -22.88
N ALA C 132 33.15 -13.32 -22.85
CA ALA C 132 32.70 -12.37 -23.87
C ALA C 132 31.56 -11.53 -23.32
N THR C 133 31.70 -10.19 -23.40
CA THR C 133 30.68 -9.24 -22.99
C THR C 133 30.41 -8.25 -24.12
N LEU C 134 29.13 -8.02 -24.41
CA LEU C 134 28.72 -6.95 -25.29
C LEU C 134 28.23 -5.77 -24.46
N VAL C 135 28.57 -4.57 -24.89
CA VAL C 135 28.33 -3.36 -24.12
C VAL C 135 27.49 -2.42 -24.97
N CYS C 136 26.26 -2.17 -24.54
CA CYS C 136 25.39 -1.21 -25.19
C CYS C 136 25.30 0.02 -24.30
N LEU C 137 25.74 1.17 -24.82
CA LEU C 137 25.73 2.40 -24.07
C LEU C 137 24.69 3.33 -24.67
N ILE C 138 23.83 3.87 -23.81
CA ILE C 138 22.65 4.63 -24.25
C ILE C 138 22.69 5.95 -23.53
N SER C 139 22.68 7.05 -24.28
CA SER C 139 22.84 8.34 -23.63
C SER C 139 21.95 9.39 -24.29
N ASP C 140 21.69 10.46 -23.52
CA ASP C 140 21.04 11.67 -24.01
C ASP C 140 19.60 11.44 -24.47
N PHE C 141 18.88 10.50 -23.86
CA PHE C 141 17.46 10.34 -24.19
C PHE C 141 16.60 11.01 -23.13
N TYR C 142 15.43 11.48 -23.56
CA TYR C 142 14.44 12.18 -22.76
C TYR C 142 13.09 12.03 -23.43
N PRO C 143 12.05 11.60 -22.70
CA PRO C 143 12.05 11.32 -21.26
C PRO C 143 12.88 10.09 -20.89
N GLY C 144 13.20 9.95 -19.60
CA GLY C 144 14.12 8.93 -19.14
C GLY C 144 13.51 7.55 -18.99
N ALA C 145 12.78 7.11 -20.00
CA ALA C 145 12.18 5.80 -20.02
C ALA C 145 12.59 5.11 -21.30
N VAL C 146 13.17 3.91 -21.17
CA VAL C 146 13.71 3.23 -22.31
C VAL C 146 13.58 1.73 -22.09
N THR C 147 13.49 0.98 -23.19
CA THR C 147 13.46 -0.48 -23.16
C THR C 147 14.56 -1.02 -24.05
N VAL C 148 15.27 -2.02 -23.55
CA VAL C 148 16.43 -2.61 -24.24
C VAL C 148 16.10 -4.05 -24.57
N ALA C 149 16.33 -4.44 -25.82
CA ALA C 149 16.18 -5.82 -26.28
C ALA C 149 17.45 -6.27 -26.99
N TRP C 150 17.89 -7.49 -26.68
CA TRP C 150 19.09 -8.07 -27.26
C TRP C 150 18.69 -9.19 -28.22
N LYS C 151 19.13 -9.10 -29.46
CA LYS C 151 18.89 -10.14 -30.44
C LYS C 151 20.19 -10.85 -30.76
N ALA C 152 20.19 -12.17 -30.65
CA ALA C 152 21.27 -12.99 -31.18
C ALA C 152 20.83 -13.43 -32.55
N ASP C 153 21.12 -12.61 -33.56
CA ASP C 153 21.03 -13.06 -34.94
C ASP C 153 19.59 -13.45 -35.29
N SER C 154 18.74 -12.40 -35.36
CA SER C 154 17.31 -12.47 -35.66
C SER C 154 16.43 -12.72 -34.44
N SER C 155 16.89 -13.55 -33.49
CA SER C 155 16.05 -14.11 -32.44
C SER C 155 16.35 -13.50 -31.07
N PRO C 156 15.34 -13.40 -30.20
CA PRO C 156 15.56 -12.76 -28.90
C PRO C 156 16.56 -13.53 -28.04
N VAL C 157 17.20 -12.82 -27.12
CA VAL C 157 18.11 -13.41 -26.14
C VAL C 157 17.80 -12.80 -24.78
N LYS C 158 17.41 -13.66 -23.84
CA LYS C 158 17.04 -13.21 -22.50
C LYS C 158 18.10 -13.48 -21.45
N ALA C 159 18.80 -14.62 -21.55
CA ALA C 159 19.77 -14.99 -20.53
C ALA C 159 21.09 -14.26 -20.76
N GLY C 160 21.66 -13.72 -19.69
CA GLY C 160 22.91 -13.01 -19.75
C GLY C 160 22.82 -11.50 -19.82
N VAL C 161 21.62 -10.94 -19.77
CA VAL C 161 21.42 -9.49 -19.89
C VAL C 161 21.48 -8.85 -18.50
N GLU C 162 22.21 -7.75 -18.40
CA GLU C 162 22.16 -6.87 -17.23
C GLU C 162 22.00 -5.44 -17.74
N THR C 163 21.00 -4.73 -17.22
CA THR C 163 20.66 -3.40 -17.72
C THR C 163 20.50 -2.47 -16.54
N THR C 164 21.10 -1.28 -16.62
CA THR C 164 20.91 -0.33 -15.54
C THR C 164 19.60 0.44 -15.74
N THR C 165 19.10 0.98 -14.64
CA THR C 165 18.00 1.92 -14.71
C THR C 165 18.52 3.25 -15.24
N PRO C 166 17.69 3.99 -16.00
CA PRO C 166 18.14 5.28 -16.53
C PRO C 166 18.65 6.18 -15.40
N SER C 167 19.69 6.93 -15.68
CA SER C 167 20.25 7.84 -14.70
C SER C 167 20.40 9.21 -15.33
N LYS C 168 20.23 10.23 -14.49
CA LYS C 168 20.20 11.60 -14.95
C LYS C 168 21.61 12.16 -15.03
N GLN C 169 22.00 12.72 -16.17
CA GLN C 169 23.34 13.27 -16.34
C GLN C 169 23.33 14.78 -16.09
N SER C 170 24.50 15.41 -16.26
CA SER C 170 24.57 16.86 -16.11
C SER C 170 23.69 17.55 -17.15
N ASN C 171 23.62 16.99 -18.35
CA ASN C 171 22.68 17.40 -19.38
C ASN C 171 21.25 17.54 -18.87
N ASN C 172 20.92 16.89 -17.77
CA ASN C 172 19.54 16.68 -17.33
C ASN C 172 18.72 15.92 -18.37
N LYS C 173 19.41 15.12 -19.18
CA LYS C 173 18.83 14.00 -19.92
C LYS C 173 19.32 12.72 -19.26
N TYR C 174 19.05 11.59 -19.89
CA TYR C 174 19.26 10.31 -19.22
C TYR C 174 20.24 9.44 -19.98
N ALA C 175 20.87 8.53 -19.23
CA ALA C 175 21.79 7.57 -19.80
C ALA C 175 21.56 6.21 -19.17
N ALA C 176 21.84 5.16 -19.92
CA ALA C 176 21.76 3.81 -19.39
C ALA C 176 22.76 2.93 -20.12
N SER C 177 23.01 1.74 -19.55
CA SER C 177 23.87 0.78 -20.22
C SER C 177 23.31 -0.60 -20.02
N SER C 178 23.56 -1.47 -21.00
CA SER C 178 23.11 -2.86 -20.93
C SER C 178 24.25 -3.77 -21.36
N TYR C 179 24.48 -4.83 -20.59
CA TYR C 179 25.55 -5.78 -20.84
C TYR C 179 24.96 -7.13 -21.15
N LEU C 180 25.47 -7.78 -22.19
CA LEU C 180 25.13 -9.17 -22.48
C LEU C 180 26.38 -10.02 -22.32
N SER C 181 26.32 -11.02 -21.44
CA SER C 181 27.41 -11.97 -21.24
C SER C 181 27.20 -13.19 -22.15
N LEU C 182 28.28 -13.64 -22.77
CA LEU C 182 28.20 -14.76 -23.70
C LEU C 182 29.41 -15.65 -23.54
N THR C 183 29.27 -16.91 -23.97
CA THR C 183 30.52 -17.64 -24.09
C THR C 183 31.15 -17.36 -25.44
N PRO C 184 32.49 -17.40 -25.52
CA PRO C 184 33.15 -17.19 -26.82
C PRO C 184 32.58 -18.05 -27.93
N GLU C 185 32.04 -19.22 -27.60
CA GLU C 185 31.50 -20.12 -28.61
C GLU C 185 30.18 -19.59 -29.17
N GLN C 186 29.27 -19.18 -28.28
CA GLN C 186 28.03 -18.58 -28.77
C GLN C 186 28.28 -17.29 -29.52
N TRP C 187 29.30 -16.53 -29.12
CA TRP C 187 29.60 -15.27 -29.77
C TRP C 187 29.97 -15.49 -31.24
N LYS C 188 30.90 -16.43 -31.50
CA LYS C 188 31.37 -16.65 -32.87
C LYS C 188 30.44 -17.56 -33.67
N SER C 189 29.52 -18.29 -33.03
CA SER C 189 28.62 -19.19 -33.73
C SER C 189 27.41 -18.49 -34.35
N HIS C 190 27.29 -17.17 -34.22
CA HIS C 190 26.17 -16.43 -34.77
C HIS C 190 26.66 -15.40 -35.77
N ARG C 191 25.79 -15.07 -36.73
CA ARG C 191 26.11 -14.07 -37.74
C ARG C 191 26.33 -12.70 -37.11
N SER C 192 25.46 -12.31 -36.19
CA SER C 192 25.56 -10.98 -35.56
C SER C 192 24.77 -10.97 -34.26
N TYR C 193 25.04 -9.93 -33.46
CA TYR C 193 24.28 -9.61 -32.26
C TYR C 193 23.83 -8.17 -32.34
N SER C 194 22.65 -7.88 -31.78
CA SER C 194 22.03 -6.58 -31.93
C SER C 194 21.57 -6.04 -30.58
N CYS C 195 21.80 -4.76 -30.35
CA CYS C 195 21.21 -4.04 -29.22
C CYS C 195 20.04 -3.21 -29.73
N GLN C 196 18.87 -3.39 -29.13
CA GLN C 196 17.64 -2.79 -29.63
C GLN C 196 17.04 -1.92 -28.53
N VAL C 197 17.01 -0.61 -28.77
CA VAL C 197 16.65 0.37 -27.75
C VAL C 197 15.36 1.08 -28.19
N THR C 198 14.25 0.77 -27.52
CA THR C 198 12.97 1.40 -27.81
C THR C 198 12.76 2.57 -26.86
N HIS C 199 12.45 3.73 -27.42
CA HIS C 199 12.19 4.97 -26.67
C HIS C 199 11.02 5.67 -27.33
N GLU C 200 9.94 5.91 -26.57
CA GLU C 200 8.71 6.51 -27.08
C GLU C 200 8.22 5.83 -28.37
N GLY C 201 8.28 4.50 -28.38
CA GLY C 201 7.70 3.71 -29.45
C GLY C 201 8.53 3.57 -30.70
N SER C 202 9.68 4.25 -30.80
CA SER C 202 10.57 4.13 -31.94
C SER C 202 11.88 3.50 -31.48
N THR C 203 12.54 2.79 -32.39
CA THR C 203 13.63 1.89 -32.05
C THR C 203 14.94 2.34 -32.69
N VAL C 204 16.01 2.30 -31.89
CA VAL C 204 17.38 2.45 -32.38
C VAL C 204 18.06 1.12 -32.17
N GLU C 205 18.59 0.54 -33.24
CA GLU C 205 19.22 -0.77 -33.20
C GLU C 205 20.65 -0.66 -33.70
N LYS C 206 21.58 -1.22 -32.94
CA LYS C 206 22.98 -1.32 -33.34
C LYS C 206 23.36 -2.79 -33.37
N THR C 207 24.31 -3.12 -34.25
CA THR C 207 24.62 -4.52 -34.57
C THR C 207 26.13 -4.69 -34.70
N VAL C 208 26.66 -5.71 -34.04
CA VAL C 208 28.07 -6.05 -34.13
C VAL C 208 28.16 -7.51 -34.58
N ALA C 209 29.30 -7.87 -35.15
CA ALA C 209 29.52 -9.21 -35.68
C ALA C 209 30.90 -9.70 -35.29
N PRO C 210 31.10 -11.03 -35.21
CA PRO C 210 32.42 -11.57 -34.83
C PRO C 210 33.57 -11.08 -35.72
N THR C 211 33.24 -10.42 -36.83
CA THR C 211 34.18 -9.72 -37.71
C THR C 211 35.43 -9.18 -37.01
#